data_1ERY
#
_entry.id   1ERY
#
_cell.length_a   1.000
_cell.length_b   1.000
_cell.length_c   1.000
_cell.angle_alpha   90.00
_cell.angle_beta   90.00
_cell.angle_gamma   90.00
#
_symmetry.space_group_name_H-M   'P 1'
#
_entity_poly.entity_id   1
_entity_poly.type   'polypeptide(L)'
_entity_poly.pdbx_seq_one_letter_code
;DECANAAAQCSITLCNLYCGPLIEICELTVMQNCEPPFS
;
_entity_poly.pdbx_strand_id   A
#
# COMPACT_ATOMS: atom_id res chain seq x y z
N ASP A 1 1.04 -7.09 -10.40
CA ASP A 1 2.03 -6.02 -10.22
C ASP A 1 2.48 -6.03 -8.77
N GLU A 2 3.60 -5.40 -8.50
CA GLU A 2 4.10 -5.31 -7.14
C GLU A 2 3.28 -4.29 -6.38
N CYS A 3 2.97 -3.16 -7.00
CA CYS A 3 2.11 -2.15 -6.39
C CYS A 3 0.75 -2.74 -5.97
N ALA A 4 0.17 -3.58 -6.82
CA ALA A 4 -1.07 -4.27 -6.51
C ALA A 4 -0.88 -5.18 -5.30
N ASN A 5 0.11 -6.07 -5.37
CA ASN A 5 0.41 -7.00 -4.29
C ASN A 5 0.63 -6.24 -2.98
N ALA A 6 1.38 -5.15 -3.02
CA ALA A 6 1.66 -4.32 -1.86
C ALA A 6 0.37 -3.88 -1.18
N ALA A 7 -0.59 -3.36 -1.95
CA ALA A 7 -1.87 -3.01 -1.39
C ALA A 7 -2.54 -4.26 -0.83
N ALA A 8 -2.56 -5.36 -1.58
CA ALA A 8 -3.16 -6.62 -1.13
C ALA A 8 -2.51 -7.14 0.15
N GLN A 9 -1.24 -6.80 0.37
CA GLN A 9 -0.44 -7.21 1.51
C GLN A 9 -0.62 -6.25 2.69
N CYS A 10 -1.35 -5.15 2.51
CA CYS A 10 -1.65 -4.16 3.53
C CYS A 10 -0.37 -3.58 4.13
N SER A 11 0.57 -3.14 3.29
CA SER A 11 1.85 -2.64 3.75
C SER A 11 2.23 -1.39 2.97
N ILE A 12 2.50 -0.34 3.74
CA ILE A 12 3.05 0.93 3.31
C ILE A 12 4.47 0.71 2.81
N THR A 13 5.16 -0.22 3.44
CA THR A 13 6.56 -0.47 3.22
C THR A 13 6.70 -1.13 1.86
N LEU A 14 5.74 -1.97 1.47
CA LEU A 14 5.60 -2.45 0.10
C LEU A 14 5.02 -1.38 -0.82
N CYS A 15 4.00 -0.62 -0.38
CA CYS A 15 3.35 0.40 -1.23
C CYS A 15 4.42 1.29 -1.83
N ASN A 16 5.19 1.96 -0.96
CA ASN A 16 6.24 2.87 -1.39
C ASN A 16 7.31 2.19 -2.24
N LEU A 17 7.48 0.89 -2.07
CA LEU A 17 8.54 0.15 -2.73
C LEU A 17 8.43 0.27 -4.25
N TYR A 18 7.21 0.32 -4.80
CA TYR A 18 7.01 0.40 -6.25
C TYR A 18 5.82 1.26 -6.69
N CYS A 19 4.92 1.70 -5.82
CA CYS A 19 3.65 2.23 -6.32
C CYS A 19 3.80 3.59 -7.01
N GLY A 20 4.87 4.34 -6.72
CA GLY A 20 5.06 5.67 -7.29
C GLY A 20 3.82 6.53 -7.03
N PRO A 21 3.17 7.14 -8.04
CA PRO A 21 1.99 7.95 -7.79
C PRO A 21 0.90 7.18 -7.06
N LEU A 22 0.68 5.92 -7.45
CA LEU A 22 -0.34 5.09 -6.85
C LEU A 22 -0.06 4.82 -5.37
N ILE A 23 1.11 5.22 -4.83
CA ILE A 23 1.37 5.18 -3.39
C ILE A 23 0.18 5.75 -2.65
N GLU A 24 -0.42 6.81 -3.17
CA GLU A 24 -1.52 7.45 -2.47
C GLU A 24 -2.71 6.51 -2.41
N ILE A 25 -3.31 6.11 -3.53
CA ILE A 25 -4.42 5.15 -3.51
C ILE A 25 -4.01 3.88 -2.74
N CYS A 26 -2.74 3.50 -2.78
CA CYS A 26 -2.25 2.31 -2.08
C CYS A 26 -2.40 2.54 -0.60
N GLU A 27 -1.81 3.61 -0.09
CA GLU A 27 -1.88 3.91 1.32
C GLU A 27 -3.35 4.09 1.72
N LEU A 28 -4.13 4.76 0.88
CA LEU A 28 -5.53 5.01 1.12
C LEU A 28 -6.28 3.70 1.28
N THR A 29 -6.12 2.77 0.34
CA THR A 29 -6.75 1.47 0.42
C THR A 29 -6.29 0.74 1.67
N VAL A 30 -4.98 0.71 1.93
CA VAL A 30 -4.48 0.06 3.13
C VAL A 30 -5.13 0.67 4.37
N MET A 31 -5.29 1.99 4.44
CA MET A 31 -6.02 2.64 5.52
C MET A 31 -7.45 2.09 5.56
N GLN A 32 -8.07 2.03 4.40
CA GLN A 32 -9.45 1.61 4.21
C GLN A 32 -9.69 0.21 4.78
N ASN A 33 -8.81 -0.74 4.47
CA ASN A 33 -8.99 -2.13 4.89
C ASN A 33 -8.27 -2.47 6.20
N CYS A 34 -7.20 -1.77 6.54
CA CYS A 34 -6.19 -2.24 7.49
C CYS A 34 -5.72 -1.04 8.31
N GLU A 35 -4.80 -1.25 9.26
CA GLU A 35 -4.30 -0.25 10.18
C GLU A 35 -2.81 0.04 9.89
N PRO A 36 -2.48 0.80 8.84
CA PRO A 36 -1.10 1.13 8.53
C PRO A 36 -0.56 2.19 9.51
N PRO A 37 0.77 2.32 9.70
CA PRO A 37 1.82 1.65 8.96
C PRO A 37 1.96 0.20 9.36
N PHE A 38 2.06 -0.70 8.38
CA PHE A 38 2.31 -2.10 8.61
C PHE A 38 3.58 -2.34 9.42
N SER A 39 3.54 -3.33 10.31
CA SER A 39 4.65 -4.02 10.88
C SER A 39 4.44 -5.49 10.57
N ASP A 1 0.27 -6.08 -10.75
CA ASP A 1 1.47 -5.30 -10.44
C ASP A 1 1.78 -5.42 -8.95
N GLU A 2 2.99 -5.06 -8.55
CA GLU A 2 3.39 -5.16 -7.16
C GLU A 2 2.75 -4.05 -6.32
N CYS A 3 2.20 -3.02 -6.95
CA CYS A 3 1.56 -1.95 -6.21
C CYS A 3 0.25 -2.47 -5.61
N ALA A 4 -0.53 -3.18 -6.43
CA ALA A 4 -1.69 -3.93 -5.99
C ALA A 4 -1.27 -4.98 -4.97
N ASN A 5 -0.17 -5.71 -5.22
CA ASN A 5 0.32 -6.71 -4.27
C ASN A 5 0.59 -6.07 -2.91
N ALA A 6 1.25 -4.91 -2.91
CA ALA A 6 1.50 -4.14 -1.71
C ALA A 6 0.21 -3.80 -0.98
N ALA A 7 -0.78 -3.32 -1.72
CA ALA A 7 -2.10 -3.05 -1.17
C ALA A 7 -2.71 -4.33 -0.60
N ALA A 8 -2.53 -5.47 -1.26
CA ALA A 8 -3.02 -6.76 -0.79
C ALA A 8 -2.35 -7.16 0.53
N GLN A 9 -1.04 -6.92 0.64
CA GLN A 9 -0.33 -7.16 1.89
C GLN A 9 -0.70 -6.07 2.91
N CYS A 10 -1.22 -4.95 2.43
CA CYS A 10 -1.68 -3.84 3.25
C CYS A 10 -0.49 -3.19 3.95
N SER A 11 0.58 -2.94 3.18
CA SER A 11 1.85 -2.47 3.68
C SER A 11 2.29 -1.24 2.93
N ILE A 12 2.49 -0.17 3.71
CA ILE A 12 3.14 1.05 3.30
C ILE A 12 4.53 0.76 2.74
N THR A 13 5.21 -0.24 3.27
CA THR A 13 6.59 -0.48 2.92
C THR A 13 6.59 -1.05 1.50
N LEU A 14 5.75 -2.04 1.25
CA LEU A 14 5.56 -2.55 -0.10
C LEU A 14 4.96 -1.49 -1.02
N CYS A 15 4.07 -0.62 -0.52
CA CYS A 15 3.49 0.41 -1.36
C CYS A 15 4.63 1.26 -1.89
N ASN A 16 5.37 1.88 -0.97
CA ASN A 16 6.48 2.75 -1.30
C ASN A 16 7.56 2.04 -2.10
N LEU A 17 7.70 0.72 -1.94
CA LEU A 17 8.63 -0.08 -2.72
C LEU A 17 8.47 0.20 -4.22
N TYR A 18 7.24 0.27 -4.74
CA TYR A 18 7.02 0.27 -6.19
C TYR A 18 5.94 1.22 -6.71
N CYS A 19 5.11 1.81 -5.84
CA CYS A 19 3.85 2.39 -6.30
C CYS A 19 4.03 3.78 -6.91
N GLY A 20 5.10 4.51 -6.59
CA GLY A 20 5.32 5.87 -7.06
C GLY A 20 4.11 6.76 -6.81
N PRO A 21 3.44 7.32 -7.84
CA PRO A 21 2.26 8.14 -7.62
C PRO A 21 1.13 7.31 -7.02
N LEU A 22 1.07 6.02 -7.37
CA LEU A 22 0.06 5.13 -6.85
C LEU A 22 0.24 4.90 -5.35
N ILE A 23 1.33 5.36 -4.73
CA ILE A 23 1.52 5.24 -3.29
C ILE A 23 0.26 5.77 -2.60
N GLU A 24 -0.34 6.82 -3.15
CA GLU A 24 -1.55 7.37 -2.57
C GLU A 24 -2.70 6.37 -2.59
N ILE A 25 -3.19 5.93 -3.75
CA ILE A 25 -4.27 4.93 -3.80
C ILE A 25 -3.89 3.69 -2.99
N CYS A 26 -2.60 3.34 -2.94
CA CYS A 26 -2.13 2.19 -2.20
C CYS A 26 -2.33 2.42 -0.72
N GLU A 27 -1.87 3.57 -0.23
CA GLU A 27 -2.00 3.98 1.16
C GLU A 27 -3.49 4.03 1.50
N LEU A 28 -4.30 4.58 0.60
CA LEU A 28 -5.72 4.75 0.79
C LEU A 28 -6.45 3.41 0.81
N THR A 29 -6.03 2.45 -0.02
CA THR A 29 -6.55 1.09 0.08
C THR A 29 -6.15 0.52 1.42
N VAL A 30 -4.88 0.61 1.78
CA VAL A 30 -4.37 0.05 3.03
C VAL A 30 -5.27 0.54 4.15
N MET A 31 -5.40 1.85 4.33
CA MET A 31 -6.30 2.49 5.27
C MET A 31 -7.72 1.91 5.22
N GLN A 32 -8.18 1.51 4.04
CA GLN A 32 -9.51 0.98 3.84
C GLN A 32 -9.70 -0.42 4.41
N ASN A 33 -8.63 -1.18 4.67
CA ASN A 33 -8.72 -2.49 5.31
C ASN A 33 -8.15 -2.44 6.72
N CYS A 34 -6.94 -1.91 6.82
CA CYS A 34 -5.97 -2.10 7.89
C CYS A 34 -5.40 -0.76 8.31
N GLU A 35 -4.77 -0.73 9.48
CA GLU A 35 -4.21 0.50 10.04
C GLU A 35 -2.70 0.53 9.75
N PRO A 36 -2.22 1.42 8.86
CA PRO A 36 -0.79 1.57 8.62
C PRO A 36 -0.15 2.42 9.74
N PRO A 37 1.18 2.58 9.72
CA PRO A 37 2.14 1.91 8.85
C PRO A 37 2.26 0.45 9.24
N PHE A 38 2.09 -0.47 8.29
CA PHE A 38 2.25 -1.89 8.52
C PHE A 38 3.56 -2.21 9.25
N SER A 39 3.50 -3.11 10.22
CA SER A 39 4.67 -3.75 10.80
C SER A 39 4.84 -5.09 10.08
N ASP A 1 0.88 -6.51 -12.04
CA ASP A 1 1.23 -5.45 -11.06
C ASP A 1 2.00 -6.11 -9.93
N GLU A 2 2.62 -5.28 -9.11
CA GLU A 2 3.28 -5.63 -7.86
C GLU A 2 2.85 -4.61 -6.80
N CYS A 3 2.64 -3.36 -7.22
CA CYS A 3 2.03 -2.34 -6.37
C CYS A 3 0.70 -2.85 -5.82
N ALA A 4 -0.13 -3.42 -6.69
CA ALA A 4 -1.37 -4.07 -6.28
C ALA A 4 -1.12 -5.09 -5.15
N ASN A 5 -0.09 -5.92 -5.32
CA ASN A 5 0.22 -6.96 -4.33
C ASN A 5 0.68 -6.33 -3.02
N ALA A 6 1.41 -5.21 -3.09
CA ALA A 6 1.80 -4.49 -1.89
C ALA A 6 0.58 -4.00 -1.13
N ALA A 7 -0.36 -3.37 -1.84
CA ALA A 7 -1.58 -2.89 -1.22
C ALA A 7 -2.36 -4.07 -0.64
N ALA A 8 -2.47 -5.16 -1.39
CA ALA A 8 -3.10 -6.39 -0.91
C ALA A 8 -2.46 -6.83 0.40
N GLN A 9 -1.12 -6.79 0.49
CA GLN A 9 -0.41 -7.17 1.69
C GLN A 9 -0.53 -6.10 2.80
N CYS A 10 -1.09 -4.94 2.51
CA CYS A 10 -1.42 -3.90 3.48
C CYS A 10 -0.18 -3.26 4.10
N SER A 11 0.92 -3.19 3.37
CA SER A 11 2.19 -2.67 3.89
C SER A 11 2.54 -1.38 3.18
N ILE A 12 3.00 -0.42 3.97
CA ILE A 12 3.34 0.92 3.54
C ILE A 12 4.73 0.92 2.94
N THR A 13 5.61 0.06 3.45
CA THR A 13 6.95 -0.02 2.94
C THR A 13 6.86 -0.70 1.58
N LEU A 14 6.09 -1.79 1.47
CA LEU A 14 5.87 -2.41 0.17
C LEU A 14 5.11 -1.47 -0.77
N CYS A 15 4.12 -0.73 -0.28
CA CYS A 15 3.43 0.28 -1.09
C CYS A 15 4.49 1.15 -1.74
N ASN A 16 5.27 1.85 -0.91
CA ASN A 16 6.27 2.78 -1.38
C ASN A 16 7.41 2.15 -2.16
N LEU A 17 7.63 0.84 -2.02
CA LEU A 17 8.62 0.12 -2.81
C LEU A 17 8.40 0.38 -4.30
N TYR A 18 7.17 0.20 -4.81
CA TYR A 18 6.90 0.26 -6.24
C TYR A 18 5.73 1.16 -6.66
N CYS A 19 4.85 1.57 -5.76
CA CYS A 19 3.58 2.16 -6.20
C CYS A 19 3.77 3.53 -6.82
N GLY A 20 4.85 4.25 -6.50
CA GLY A 20 5.12 5.59 -7.01
C GLY A 20 3.91 6.52 -6.84
N PRO A 21 3.27 7.00 -7.91
CA PRO A 21 2.09 7.86 -7.78
C PRO A 21 0.96 7.09 -7.09
N LEU A 22 0.82 5.80 -7.43
CA LEU A 22 -0.20 4.95 -6.85
C LEU A 22 0.01 4.77 -5.35
N ILE A 23 1.13 5.23 -4.78
CA ILE A 23 1.34 5.18 -3.34
C ILE A 23 0.16 5.80 -2.64
N GLU A 24 -0.38 6.91 -3.16
CA GLU A 24 -1.50 7.55 -2.52
C GLU A 24 -2.66 6.57 -2.42
N ILE A 25 -3.14 6.07 -3.56
CA ILE A 25 -4.21 5.09 -3.57
C ILE A 25 -3.84 3.90 -2.70
N CYS A 26 -2.57 3.55 -2.64
CA CYS A 26 -2.11 2.41 -1.87
C CYS A 26 -2.33 2.70 -0.40
N GLU A 27 -1.88 3.87 0.06
CA GLU A 27 -2.06 4.28 1.43
C GLU A 27 -3.55 4.26 1.74
N LEU A 28 -4.33 4.84 0.82
CA LEU A 28 -5.75 5.06 1.00
C LEU A 28 -6.53 3.76 1.07
N THR A 29 -6.20 2.80 0.21
CA THR A 29 -6.81 1.49 0.21
C THR A 29 -6.44 0.79 1.51
N VAL A 30 -5.15 0.72 1.81
CA VAL A 30 -4.68 0.05 3.01
C VAL A 30 -5.36 0.66 4.24
N MET A 31 -5.50 1.99 4.32
CA MET A 31 -6.25 2.62 5.39
C MET A 31 -7.68 2.11 5.48
N GLN A 32 -8.30 1.85 4.33
CA GLN A 32 -9.67 1.37 4.28
C GLN A 32 -9.78 -0.07 4.80
N ASN A 33 -8.94 -0.97 4.29
CA ASN A 33 -9.07 -2.40 4.55
C ASN A 33 -8.27 -2.84 5.77
N CYS A 34 -7.37 -2.02 6.29
CA CYS A 34 -6.36 -2.43 7.25
C CYS A 34 -6.05 -1.25 8.15
N GLU A 35 -5.19 -1.48 9.15
CA GLU A 35 -4.65 -0.44 10.01
C GLU A 35 -3.16 -0.30 9.69
N PRO A 36 -2.79 0.50 8.70
CA PRO A 36 -1.39 0.86 8.50
C PRO A 36 -0.94 1.81 9.63
N PRO A 37 0.34 2.18 9.68
CA PRO A 37 1.44 1.62 8.92
C PRO A 37 1.71 0.22 9.44
N PHE A 38 1.89 -0.73 8.53
CA PHE A 38 2.01 -2.14 8.86
C PHE A 38 3.11 -2.36 9.90
N SER A 39 2.80 -3.21 10.89
CA SER A 39 3.64 -3.45 12.04
C SER A 39 4.75 -4.40 11.65
N ASP A 1 -1.05 -5.68 -10.82
CA ASP A 1 0.26 -5.02 -10.73
C ASP A 1 0.78 -5.21 -9.32
N GLU A 2 2.07 -4.95 -9.10
CA GLU A 2 2.72 -5.24 -7.84
C GLU A 2 2.42 -4.16 -6.79
N CYS A 3 1.87 -3.01 -7.20
CA CYS A 3 1.53 -1.95 -6.27
C CYS A 3 0.23 -2.33 -5.55
N ALA A 4 -0.78 -2.66 -6.33
CA ALA A 4 -2.00 -3.29 -5.85
C ALA A 4 -1.66 -4.51 -5.00
N ASN A 5 -0.63 -5.27 -5.40
CA ASN A 5 -0.18 -6.42 -4.62
C ASN A 5 0.37 -6.00 -3.26
N ALA A 6 1.17 -4.94 -3.21
CA ALA A 6 1.61 -4.37 -1.95
C ALA A 6 0.42 -4.01 -1.08
N ALA A 7 -0.59 -3.36 -1.67
CA ALA A 7 -1.80 -3.02 -0.93
C ALA A 7 -2.43 -4.29 -0.34
N ALA A 8 -2.55 -5.35 -1.15
CA ALA A 8 -3.06 -6.63 -0.65
C ALA A 8 -2.17 -7.20 0.47
N GLN A 9 -0.86 -6.97 0.40
CA GLN A 9 0.02 -7.40 1.47
C GLN A 9 -0.17 -6.48 2.69
N CYS A 10 -0.68 -5.27 2.49
CA CYS A 10 -1.05 -4.29 3.50
C CYS A 10 0.19 -3.79 4.24
N SER A 11 1.10 -3.14 3.51
CA SER A 11 2.29 -2.53 4.06
C SER A 11 2.62 -1.26 3.28
N ILE A 12 2.86 -0.20 4.05
CA ILE A 12 3.23 1.11 3.56
C ILE A 12 4.64 1.05 3.00
N THR A 13 5.48 0.18 3.55
CA THR A 13 6.85 0.10 3.09
C THR A 13 6.81 -0.58 1.73
N LEU A 14 6.05 -1.67 1.58
CA LEU A 14 5.90 -2.32 0.28
C LEU A 14 5.11 -1.46 -0.70
N CYS A 15 4.15 -0.66 -0.24
CA CYS A 15 3.49 0.32 -1.10
C CYS A 15 4.60 1.19 -1.70
N ASN A 16 5.29 1.93 -0.84
CA ASN A 16 6.31 2.88 -1.27
C ASN A 16 7.42 2.23 -2.08
N LEU A 17 7.73 0.96 -1.82
CA LEU A 17 8.76 0.20 -2.52
C LEU A 17 8.62 0.34 -4.04
N TYR A 18 7.41 0.20 -4.59
CA TYR A 18 7.19 0.21 -6.04
C TYR A 18 6.12 1.19 -6.53
N CYS A 19 5.22 1.66 -5.66
CA CYS A 19 3.96 2.21 -6.14
C CYS A 19 4.10 3.55 -6.87
N GLY A 20 5.12 4.35 -6.54
CA GLY A 20 5.30 5.67 -7.14
C GLY A 20 4.03 6.54 -6.98
N PRO A 21 3.40 7.01 -8.06
CA PRO A 21 2.18 7.81 -7.93
C PRO A 21 1.10 7.02 -7.20
N LEU A 22 1.02 5.72 -7.48
CA LEU A 22 0.01 4.87 -6.87
C LEU A 22 0.22 4.72 -5.37
N ILE A 23 1.31 5.22 -4.78
CA ILE A 23 1.52 5.18 -3.34
C ILE A 23 0.25 5.68 -2.65
N GLU A 24 -0.38 6.69 -3.24
CA GLU A 24 -1.57 7.26 -2.68
C GLU A 24 -2.71 6.25 -2.67
N ILE A 25 -3.16 5.77 -3.83
CA ILE A 25 -4.23 4.75 -3.88
C ILE A 25 -3.85 3.55 -3.01
N CYS A 26 -2.57 3.21 -2.94
CA CYS A 26 -2.10 2.07 -2.16
C CYS A 26 -2.34 2.35 -0.71
N GLU A 27 -1.86 3.50 -0.24
CA GLU A 27 -1.99 3.82 1.17
C GLU A 27 -3.47 3.98 1.51
N LEU A 28 -4.25 4.53 0.59
CA LEU A 28 -5.68 4.72 0.75
C LEU A 28 -6.38 3.38 0.91
N THR A 29 -6.17 2.45 -0.04
CA THR A 29 -6.75 1.12 0.03
C THR A 29 -6.40 0.47 1.37
N VAL A 30 -5.13 0.54 1.77
CA VAL A 30 -4.70 -0.04 3.02
C VAL A 30 -5.44 0.63 4.18
N MET A 31 -5.43 1.96 4.30
CA MET A 31 -6.20 2.67 5.32
C MET A 31 -7.64 2.17 5.39
N GLN A 32 -8.24 2.00 4.21
CA GLN A 32 -9.63 1.59 4.08
C GLN A 32 -9.91 0.24 4.75
N ASN A 33 -8.96 -0.69 4.72
CA ASN A 33 -9.24 -2.12 4.96
C ASN A 33 -8.37 -2.75 6.04
N CYS A 34 -7.23 -2.14 6.31
CA CYS A 34 -6.19 -2.51 7.25
C CYS A 34 -5.97 -1.26 8.09
N GLU A 35 -5.14 -1.33 9.13
CA GLU A 35 -4.76 -0.18 9.92
C GLU A 35 -3.25 0.02 9.80
N PRO A 36 -2.79 0.86 8.86
CA PRO A 36 -1.37 1.15 8.68
C PRO A 36 -0.88 2.15 9.76
N PRO A 37 0.40 2.55 9.74
CA PRO A 37 1.48 1.93 9.02
C PRO A 37 1.69 0.51 9.50
N PHE A 38 1.89 -0.41 8.56
CA PHE A 38 2.05 -1.82 8.87
C PHE A 38 3.07 -2.08 9.98
N SER A 39 2.79 -3.08 10.80
CA SER A 39 3.48 -3.41 12.03
C SER A 39 4.99 -3.50 11.85
N ASP A 1 -0.64 -5.98 -10.78
CA ASP A 1 0.55 -5.17 -10.52
C ASP A 1 1.11 -5.51 -9.15
N GLU A 2 2.43 -5.43 -9.04
CA GLU A 2 3.14 -5.56 -7.79
C GLU A 2 2.67 -4.45 -6.83
N CYS A 3 2.41 -3.25 -7.35
CA CYS A 3 1.86 -2.16 -6.58
C CYS A 3 0.52 -2.55 -5.94
N ALA A 4 -0.37 -3.17 -6.70
CA ALA A 4 -1.61 -3.68 -6.14
C ALA A 4 -1.31 -4.72 -5.07
N ASN A 5 -0.40 -5.64 -5.38
CA ASN A 5 -0.06 -6.73 -4.46
C ASN A 5 0.50 -6.19 -3.15
N ALA A 6 1.22 -5.06 -3.21
CA ALA A 6 1.66 -4.33 -2.03
C ALA A 6 0.45 -3.91 -1.19
N ALA A 7 -0.51 -3.23 -1.82
CA ALA A 7 -1.75 -2.85 -1.15
C ALA A 7 -2.43 -4.09 -0.54
N ALA A 8 -2.40 -5.23 -1.24
CA ALA A 8 -2.97 -6.47 -0.74
C ALA A 8 -2.17 -7.04 0.44
N GLN A 9 -0.85 -6.84 0.49
CA GLN A 9 -0.07 -7.20 1.68
C GLN A 9 -0.38 -6.21 2.79
N CYS A 10 -0.80 -5.01 2.41
CA CYS A 10 -1.40 -4.01 3.27
C CYS A 10 -0.34 -3.37 4.14
N SER A 11 0.65 -2.75 3.46
CA SER A 11 1.90 -2.30 4.02
C SER A 11 2.35 -1.02 3.33
N ILE A 12 2.76 -0.07 4.15
CA ILE A 12 3.22 1.23 3.73
C ILE A 12 4.59 1.11 3.09
N THR A 13 5.38 0.14 3.55
CA THR A 13 6.69 -0.06 2.96
C THR A 13 6.43 -0.69 1.61
N LEU A 14 5.59 -1.71 1.52
CA LEU A 14 5.35 -2.33 0.22
C LEU A 14 4.77 -1.30 -0.74
N CYS A 15 3.88 -0.41 -0.26
CA CYS A 15 3.38 0.67 -1.09
C CYS A 15 4.57 1.41 -1.68
N ASN A 16 5.41 1.99 -0.82
CA ASN A 16 6.52 2.81 -1.28
C ASN A 16 7.51 2.05 -2.14
N LEU A 17 7.66 0.75 -1.89
CA LEU A 17 8.63 -0.09 -2.58
C LEU A 17 8.41 -0.03 -4.10
N TYR A 18 7.17 0.10 -4.59
CA TYR A 18 6.92 0.16 -6.03
C TYR A 18 5.82 1.10 -6.52
N CYS A 19 4.96 1.66 -5.69
CA CYS A 19 3.71 2.15 -6.24
C CYS A 19 3.85 3.46 -7.01
N GLY A 20 4.95 4.19 -6.86
CA GLY A 20 5.08 5.49 -7.52
C GLY A 20 3.98 6.44 -7.02
N PRO A 21 3.29 7.20 -7.87
CA PRO A 21 2.23 8.09 -7.39
C PRO A 21 1.08 7.27 -6.82
N LEU A 22 0.90 6.03 -7.29
CA LEU A 22 -0.13 5.15 -6.75
C LEU A 22 0.16 4.77 -5.29
N ILE A 23 1.30 5.18 -4.71
CA ILE A 23 1.54 5.08 -3.28
C ILE A 23 0.35 5.70 -2.55
N GLU A 24 -0.27 6.73 -3.12
CA GLU A 24 -1.46 7.31 -2.52
C GLU A 24 -2.61 6.31 -2.53
N ILE A 25 -3.07 5.88 -3.70
CA ILE A 25 -4.18 4.92 -3.79
C ILE A 25 -3.84 3.69 -2.94
N CYS A 26 -2.57 3.31 -2.89
CA CYS A 26 -2.12 2.17 -2.11
C CYS A 26 -2.37 2.45 -0.65
N GLU A 27 -1.81 3.55 -0.14
CA GLU A 27 -2.00 3.93 1.24
C GLU A 27 -3.49 3.97 1.55
N LEU A 28 -4.26 4.55 0.65
CA LEU A 28 -5.69 4.74 0.81
C LEU A 28 -6.39 3.40 0.92
N THR A 29 -6.11 2.45 0.02
CA THR A 29 -6.70 1.13 0.14
C THR A 29 -6.28 0.48 1.46
N VAL A 30 -5.00 0.62 1.84
CA VAL A 30 -4.52 0.07 3.09
C VAL A 30 -5.34 0.63 4.23
N MET A 31 -5.39 1.95 4.40
CA MET A 31 -6.20 2.65 5.39
C MET A 31 -7.61 2.07 5.40
N GLN A 32 -8.18 1.95 4.21
CA GLN A 32 -9.53 1.45 4.01
C GLN A 32 -9.75 0.05 4.60
N ASN A 33 -8.73 -0.80 4.66
CA ASN A 33 -8.90 -2.25 4.84
C ASN A 33 -8.05 -2.88 5.93
N CYS A 34 -6.98 -2.24 6.38
CA CYS A 34 -6.17 -2.63 7.52
C CYS A 34 -5.72 -1.34 8.20
N GLU A 35 -5.15 -1.44 9.40
CA GLU A 35 -4.72 -0.28 10.16
C GLU A 35 -3.19 -0.15 10.04
N PRO A 36 -2.67 0.74 9.19
CA PRO A 36 -1.23 0.97 9.09
C PRO A 36 -0.77 1.75 10.33
N PRO A 37 0.54 1.88 10.57
CA PRO A 37 1.65 1.44 9.72
C PRO A 37 1.90 -0.06 9.84
N PHE A 38 2.11 -0.75 8.71
CA PHE A 38 2.56 -2.13 8.76
C PHE A 38 3.96 -2.17 9.36
N SER A 39 4.18 -2.98 10.39
CA SER A 39 5.47 -3.24 10.98
C SER A 39 5.98 -4.57 10.44
N ASP A 1 -0.25 -5.53 -11.27
CA ASP A 1 1.09 -4.98 -10.99
C ASP A 1 1.44 -5.22 -9.53
N GLU A 2 2.72 -5.06 -9.19
CA GLU A 2 3.18 -5.39 -7.86
C GLU A 2 2.52 -4.45 -6.85
N CYS A 3 2.39 -3.18 -7.20
CA CYS A 3 1.80 -2.18 -6.32
C CYS A 3 0.38 -2.58 -5.84
N ALA A 4 -0.40 -3.24 -6.71
CA ALA A 4 -1.71 -3.77 -6.32
C ALA A 4 -1.56 -4.86 -5.27
N ASN A 5 -0.55 -5.70 -5.41
CA ASN A 5 -0.27 -6.79 -4.48
C ASN A 5 0.17 -6.19 -3.15
N ALA A 6 1.11 -5.24 -3.18
CA ALA A 6 1.58 -4.54 -2.01
C ALA A 6 0.43 -3.97 -1.19
N ALA A 7 -0.52 -3.29 -1.85
CA ALA A 7 -1.70 -2.80 -1.15
C ALA A 7 -2.44 -3.95 -0.50
N ALA A 8 -2.68 -5.02 -1.24
CA ALA A 8 -3.35 -6.17 -0.68
C ALA A 8 -2.59 -6.73 0.53
N GLN A 9 -1.26 -6.63 0.53
CA GLN A 9 -0.40 -7.09 1.60
C GLN A 9 -0.44 -6.19 2.83
N CYS A 10 -1.16 -5.05 2.80
CA CYS A 10 -1.35 -4.21 3.99
C CYS A 10 0.01 -3.68 4.48
N SER A 11 0.82 -3.09 3.60
CA SER A 11 2.12 -2.56 4.00
C SER A 11 2.44 -1.32 3.20
N ILE A 12 2.79 -0.27 3.94
CA ILE A 12 3.08 1.04 3.39
C ILE A 12 4.50 1.03 2.85
N THR A 13 5.37 0.20 3.40
CA THR A 13 6.70 0.11 2.85
C THR A 13 6.57 -0.66 1.53
N LEU A 14 5.85 -1.78 1.48
CA LEU A 14 5.63 -2.43 0.19
C LEU A 14 4.91 -1.50 -0.78
N CYS A 15 4.02 -0.63 -0.31
CA CYS A 15 3.44 0.39 -1.18
C CYS A 15 4.59 1.19 -1.79
N ASN A 16 5.28 1.97 -0.96
CA ASN A 16 6.28 2.92 -1.40
C ASN A 16 7.56 2.29 -1.95
N LEU A 17 7.66 0.97 -1.88
CA LEU A 17 8.65 0.19 -2.58
C LEU A 17 8.58 0.52 -4.08
N TYR A 18 7.42 0.35 -4.73
CA TYR A 18 7.29 0.47 -6.18
C TYR A 18 6.05 1.24 -6.65
N CYS A 19 5.20 1.72 -5.74
CA CYS A 19 3.92 2.30 -6.15
C CYS A 19 4.05 3.71 -6.74
N GLY A 20 5.12 4.45 -6.43
CA GLY A 20 5.30 5.83 -6.87
C GLY A 20 4.08 6.75 -6.67
N PRO A 21 3.36 7.16 -7.73
CA PRO A 21 2.15 7.94 -7.63
C PRO A 21 1.03 7.13 -6.99
N LEU A 22 1.01 5.84 -7.29
CA LEU A 22 0.01 4.91 -6.80
C LEU A 22 0.21 4.67 -5.30
N ILE A 23 1.29 5.20 -4.68
CA ILE A 23 1.42 5.13 -3.23
C ILE A 23 0.14 5.67 -2.63
N GLU A 24 -0.47 6.69 -3.25
CA GLU A 24 -1.73 7.20 -2.75
C GLU A 24 -2.79 6.11 -2.74
N ILE A 25 -3.21 5.59 -3.90
CA ILE A 25 -4.26 4.57 -3.95
C ILE A 25 -3.90 3.38 -3.04
N CYS A 26 -2.61 3.08 -2.92
CA CYS A 26 -2.12 2.01 -2.07
C CYS A 26 -2.36 2.35 -0.62
N GLU A 27 -1.90 3.53 -0.18
CA GLU A 27 -2.00 3.95 1.20
C GLU A 27 -3.47 4.12 1.55
N LEU A 28 -4.29 4.53 0.58
CA LEU A 28 -5.73 4.66 0.70
C LEU A 28 -6.34 3.30 0.93
N THR A 29 -6.11 2.34 0.03
CA THR A 29 -6.60 0.98 0.21
C THR A 29 -6.21 0.50 1.60
N VAL A 30 -4.92 0.54 1.93
CA VAL A 30 -4.44 0.05 3.20
C VAL A 30 -5.19 0.75 4.34
N MET A 31 -5.32 2.09 4.32
CA MET A 31 -6.13 2.84 5.28
C MET A 31 -7.55 2.28 5.40
N GLN A 32 -8.15 1.99 4.26
CA GLN A 32 -9.53 1.53 4.15
C GLN A 32 -9.67 0.05 4.55
N ASN A 33 -8.56 -0.69 4.61
CA ASN A 33 -8.56 -2.15 4.54
C ASN A 33 -7.95 -2.80 5.79
N CYS A 34 -7.00 -2.12 6.41
CA CYS A 34 -6.27 -2.55 7.61
C CYS A 34 -5.80 -1.29 8.32
N GLU A 35 -5.01 -1.41 9.38
CA GLU A 35 -4.48 -0.24 10.09
C GLU A 35 -3.01 0.01 9.72
N PRO A 36 -2.71 0.93 8.78
CA PRO A 36 -1.35 1.36 8.53
C PRO A 36 -0.90 2.35 9.60
N PRO A 37 0.38 2.80 9.58
CA PRO A 37 1.45 2.27 8.76
C PRO A 37 1.80 0.88 9.27
N PHE A 38 1.79 -0.16 8.42
CA PHE A 38 2.12 -1.47 8.93
C PHE A 38 3.63 -1.50 9.16
N SER A 39 4.09 -2.55 9.84
CA SER A 39 5.48 -2.79 10.19
C SER A 39 6.25 -3.18 8.91
N ASP A 1 -0.41 -4.66 -10.48
CA ASP A 1 1.05 -4.84 -10.48
C ASP A 1 1.49 -5.17 -9.06
N GLU A 2 2.79 -5.36 -8.82
CA GLU A 2 3.31 -5.64 -7.48
C GLU A 2 2.84 -4.58 -6.47
N CYS A 3 2.75 -3.33 -6.90
CA CYS A 3 2.21 -2.24 -6.10
C CYS A 3 0.82 -2.58 -5.55
N ALA A 4 -0.07 -3.04 -6.43
CA ALA A 4 -1.41 -3.44 -6.02
C ALA A 4 -1.36 -4.58 -5.01
N ASN A 5 -0.47 -5.55 -5.25
CA ASN A 5 -0.33 -6.68 -4.34
C ASN A 5 0.13 -6.17 -2.97
N ALA A 6 1.06 -5.22 -2.93
CA ALA A 6 1.49 -4.60 -1.68
C ALA A 6 0.30 -3.99 -0.95
N ALA A 7 -0.52 -3.24 -1.68
CA ALA A 7 -1.72 -2.64 -1.12
C ALA A 7 -2.61 -3.72 -0.51
N ALA A 8 -2.86 -4.80 -1.25
CA ALA A 8 -3.68 -5.90 -0.77
C ALA A 8 -3.06 -6.54 0.46
N GLN A 9 -1.73 -6.62 0.49
CA GLN A 9 -0.99 -7.27 1.55
C GLN A 9 -1.01 -6.39 2.81
N CYS A 10 -1.32 -5.09 2.68
CA CYS A 10 -1.29 -4.13 3.79
C CYS A 10 0.16 -3.92 4.25
N SER A 11 0.96 -3.23 3.45
CA SER A 11 2.20 -2.61 3.88
C SER A 11 2.42 -1.32 3.10
N ILE A 12 2.74 -0.26 3.82
CA ILE A 12 3.20 0.98 3.25
C ILE A 12 4.66 0.81 2.82
N THR A 13 5.38 -0.12 3.42
CA THR A 13 6.77 -0.32 3.08
C THR A 13 6.86 -0.98 1.71
N LEU A 14 5.95 -1.92 1.43
CA LEU A 14 5.82 -2.48 0.09
C LEU A 14 5.10 -1.52 -0.86
N CYS A 15 4.17 -0.67 -0.36
CA CYS A 15 3.56 0.36 -1.21
C CYS A 15 4.68 1.20 -1.83
N ASN A 16 5.34 2.00 -1.01
CA ASN A 16 6.33 2.97 -1.46
C ASN A 16 7.48 2.31 -2.22
N LEU A 17 7.71 1.02 -2.00
CA LEU A 17 8.71 0.26 -2.74
C LEU A 17 8.54 0.45 -4.25
N TYR A 18 7.31 0.33 -4.77
CA TYR A 18 7.06 0.33 -6.22
C TYR A 18 6.05 1.36 -6.68
N CYS A 19 5.16 1.78 -5.80
CA CYS A 19 3.91 2.38 -6.21
C CYS A 19 4.05 3.76 -6.87
N GLY A 20 5.05 4.56 -6.53
CA GLY A 20 5.19 5.93 -7.04
C GLY A 20 3.87 6.73 -6.92
N PRO A 21 3.25 7.17 -8.03
CA PRO A 21 1.98 7.88 -7.99
C PRO A 21 0.87 7.03 -7.35
N LEU A 22 0.95 5.72 -7.51
CA LEU A 22 0.00 4.80 -6.92
C LEU A 22 0.12 4.79 -5.39
N ILE A 23 1.20 5.34 -4.81
CA ILE A 23 1.40 5.32 -3.35
C ILE A 23 0.16 5.88 -2.68
N GLU A 24 -0.48 6.87 -3.28
CA GLU A 24 -1.64 7.47 -2.66
C GLU A 24 -2.78 6.46 -2.59
N ILE A 25 -3.20 5.90 -3.72
CA ILE A 25 -4.24 4.88 -3.76
C ILE A 25 -3.85 3.68 -2.91
N CYS A 26 -2.54 3.41 -2.81
CA CYS A 26 -2.04 2.31 -2.04
C CYS A 26 -2.29 2.60 -0.58
N GLU A 27 -1.89 3.79 -0.11
CA GLU A 27 -2.13 4.16 1.27
C GLU A 27 -3.63 4.14 1.53
N LEU A 28 -4.43 4.63 0.58
CA LEU A 28 -5.88 4.61 0.70
C LEU A 28 -6.39 3.20 0.94
N THR A 29 -6.10 2.28 0.01
CA THR A 29 -6.48 0.89 0.14
C THR A 29 -6.10 0.38 1.53
N VAL A 30 -4.82 0.54 1.88
CA VAL A 30 -4.29 0.03 3.11
C VAL A 30 -5.06 0.61 4.29
N MET A 31 -5.38 1.91 4.29
CA MET A 31 -6.21 2.54 5.32
C MET A 31 -7.58 1.88 5.37
N GLN A 32 -8.14 1.65 4.19
CA GLN A 32 -9.49 1.15 4.03
C GLN A 32 -9.59 -0.27 4.61
N ASN A 33 -8.64 -1.14 4.29
CA ASN A 33 -8.71 -2.52 4.75
C ASN A 33 -8.15 -2.63 6.17
N CYS A 34 -6.93 -2.17 6.38
CA CYS A 34 -6.13 -2.40 7.58
C CYS A 34 -5.76 -1.07 8.23
N GLU A 35 -4.91 -1.10 9.26
CA GLU A 35 -4.38 0.10 9.90
C GLU A 35 -2.91 0.27 9.49
N PRO A 36 -2.58 1.19 8.57
CA PRO A 36 -1.20 1.55 8.31
C PRO A 36 -0.71 2.57 9.35
N PRO A 37 0.60 2.89 9.34
CA PRO A 37 1.65 2.19 8.62
C PRO A 37 1.80 0.78 9.19
N PHE A 38 1.93 -0.23 8.33
CA PHE A 38 2.11 -1.57 8.82
C PHE A 38 3.58 -1.77 9.26
N SER A 39 3.87 -2.79 10.07
CA SER A 39 5.20 -3.06 10.56
C SER A 39 5.91 -4.00 9.58
N ASP A 1 1.60 -5.54 -12.59
CA ASP A 1 1.96 -4.73 -11.42
C ASP A 1 2.11 -5.57 -10.17
N GLU A 2 2.85 -5.01 -9.24
CA GLU A 2 3.14 -5.54 -7.91
C GLU A 2 2.74 -4.47 -6.85
N CYS A 3 2.59 -3.21 -7.27
CA CYS A 3 2.06 -2.15 -6.43
C CYS A 3 0.70 -2.50 -5.83
N ALA A 4 -0.18 -3.17 -6.57
CA ALA A 4 -1.47 -3.62 -6.06
C ALA A 4 -1.26 -4.68 -4.99
N ASN A 5 -0.35 -5.62 -5.22
CA ASN A 5 -0.06 -6.68 -4.27
C ASN A 5 0.33 -6.05 -2.93
N ALA A 6 1.18 -5.02 -2.97
CA ALA A 6 1.55 -4.30 -1.75
C ALA A 6 0.34 -3.81 -0.97
N ALA A 7 -0.67 -3.28 -1.68
CA ALA A 7 -1.89 -2.84 -1.02
C ALA A 7 -2.57 -4.03 -0.38
N ALA A 8 -2.75 -5.12 -1.13
CA ALA A 8 -3.34 -6.35 -0.61
C ALA A 8 -2.56 -6.85 0.61
N GLN A 9 -1.25 -6.65 0.65
CA GLN A 9 -0.39 -7.09 1.74
C GLN A 9 -0.59 -6.21 2.98
N CYS A 10 -1.10 -4.98 2.79
CA CYS A 10 -1.29 -3.96 3.81
C CYS A 10 0.04 -3.46 4.34
N SER A 11 0.88 -2.92 3.46
CA SER A 11 2.13 -2.31 3.88
C SER A 11 2.50 -1.14 2.99
N ILE A 12 2.65 0.00 3.66
CA ILE A 12 3.10 1.24 3.10
C ILE A 12 4.53 1.09 2.56
N THR A 13 5.36 0.28 3.21
CA THR A 13 6.72 0.10 2.78
C THR A 13 6.76 -0.75 1.51
N LEU A 14 5.94 -1.80 1.44
CA LEU A 14 5.80 -2.51 0.18
C LEU A 14 5.13 -1.61 -0.88
N CYS A 15 4.25 -0.70 -0.48
CA CYS A 15 3.65 0.25 -1.41
C CYS A 15 4.78 1.05 -2.05
N ASN A 16 5.47 1.87 -1.26
CA ASN A 16 6.50 2.78 -1.75
C ASN A 16 7.66 2.06 -2.44
N LEU A 17 7.83 0.78 -2.19
CA LEU A 17 8.74 -0.04 -2.96
C LEU A 17 8.50 0.08 -4.48
N TYR A 18 7.26 0.14 -4.96
CA TYR A 18 6.96 0.17 -6.40
C TYR A 18 5.98 1.26 -6.84
N CYS A 19 5.16 1.76 -5.93
CA CYS A 19 3.92 2.42 -6.29
C CYS A 19 4.07 3.85 -6.84
N GLY A 20 5.05 4.64 -6.42
CA GLY A 20 5.18 6.06 -6.79
C GLY A 20 3.90 6.88 -6.58
N PRO A 21 3.26 7.42 -7.63
CA PRO A 21 2.02 8.16 -7.48
C PRO A 21 0.92 7.26 -6.92
N LEU A 22 1.03 5.95 -7.13
CA LEU A 22 0.08 5.01 -6.60
C LEU A 22 0.32 4.74 -5.11
N ILE A 23 1.38 5.29 -4.50
CA ILE A 23 1.59 5.08 -3.07
C ILE A 23 0.34 5.57 -2.36
N GLU A 24 -0.22 6.69 -2.81
CA GLU A 24 -1.47 7.16 -2.27
C GLU A 24 -2.55 6.09 -2.44
N ILE A 25 -2.87 5.66 -3.66
CA ILE A 25 -3.96 4.70 -3.90
C ILE A 25 -3.76 3.44 -3.03
N CYS A 26 -2.51 3.03 -2.91
CA CYS A 26 -2.10 1.88 -2.15
C CYS A 26 -2.42 2.15 -0.69
N GLU A 27 -1.90 3.26 -0.15
CA GLU A 27 -2.08 3.63 1.24
C GLU A 27 -3.57 3.78 1.54
N LEU A 28 -4.32 4.36 0.59
CA LEU A 28 -5.75 4.61 0.65
C LEU A 28 -6.50 3.29 0.80
N THR A 29 -6.18 2.31 -0.05
CA THR A 29 -6.67 0.96 0.12
C THR A 29 -6.34 0.45 1.52
N VAL A 30 -5.06 0.47 1.91
CA VAL A 30 -4.64 -0.08 3.19
C VAL A 30 -5.41 0.59 4.32
N MET A 31 -5.66 1.89 4.26
CA MET A 31 -6.45 2.62 5.24
C MET A 31 -7.88 2.11 5.24
N GLN A 32 -8.41 1.87 4.04
CA GLN A 32 -9.77 1.40 3.87
C GLN A 32 -10.01 0.02 4.49
N ASN A 33 -8.99 -0.82 4.60
CA ASN A 33 -9.14 -2.17 5.15
C ASN A 33 -8.44 -2.31 6.50
N CYS A 34 -7.13 -2.07 6.50
CA CYS A 34 -6.23 -2.26 7.62
C CYS A 34 -6.08 -0.95 8.39
N GLU A 35 -5.13 -0.87 9.32
CA GLU A 35 -4.75 0.37 10.00
C GLU A 35 -3.28 0.67 9.68
N PRO A 36 -2.99 1.49 8.65
CA PRO A 36 -1.63 1.86 8.28
C PRO A 36 -1.15 3.09 9.07
N PRO A 37 0.11 3.52 8.88
CA PRO A 37 1.15 2.84 8.13
C PRO A 37 1.53 1.53 8.81
N PHE A 38 1.75 0.49 8.02
CA PHE A 38 2.49 -0.66 8.48
C PHE A 38 3.77 -0.24 9.22
N SER A 39 4.00 -0.83 10.40
CA SER A 39 5.16 -0.55 11.22
C SER A 39 6.33 -1.43 10.78
N ASP A 1 0.56 -7.08 -10.57
CA ASP A 1 1.70 -6.16 -10.33
C ASP A 1 2.08 -6.16 -8.87
N GLU A 2 3.31 -5.76 -8.61
CA GLU A 2 3.84 -5.63 -7.26
C GLU A 2 3.17 -4.48 -6.53
N CYS A 3 2.83 -3.36 -7.17
CA CYS A 3 2.12 -2.30 -6.44
C CYS A 3 0.75 -2.81 -5.97
N ALA A 4 0.01 -3.45 -6.88
CA ALA A 4 -1.28 -4.03 -6.56
C ALA A 4 -1.13 -5.04 -5.43
N ASN A 5 -0.15 -5.94 -5.53
CA ASN A 5 0.13 -6.91 -4.48
C ASN A 5 0.42 -6.20 -3.17
N ALA A 6 1.26 -5.17 -3.20
CA ALA A 6 1.65 -4.42 -2.03
C ALA A 6 0.41 -3.93 -1.29
N ALA A 7 -0.55 -3.35 -2.01
CA ALA A 7 -1.79 -2.94 -1.38
C ALA A 7 -2.53 -4.16 -0.81
N ALA A 8 -2.64 -5.25 -1.57
CA ALA A 8 -3.24 -6.48 -1.08
C ALA A 8 -2.51 -7.01 0.17
N GLN A 9 -1.23 -6.72 0.30
CA GLN A 9 -0.37 -7.13 1.41
C GLN A 9 -0.48 -6.14 2.58
N CYS A 10 -1.26 -5.08 2.43
CA CYS A 10 -1.65 -4.15 3.49
C CYS A 10 -0.46 -3.44 4.12
N SER A 11 0.58 -3.15 3.35
CA SER A 11 1.76 -2.47 3.90
C SER A 11 1.76 -1.02 3.46
N ILE A 12 2.77 -0.31 3.97
CA ILE A 12 3.19 1.02 3.59
C ILE A 12 4.61 0.91 3.00
N THR A 13 5.40 -0.07 3.44
CA THR A 13 6.76 -0.23 2.95
C THR A 13 6.67 -0.77 1.53
N LEU A 14 5.82 -1.78 1.31
CA LEU A 14 5.61 -2.29 -0.03
C LEU A 14 4.97 -1.23 -0.93
N CYS A 15 4.08 -0.38 -0.40
CA CYS A 15 3.54 0.73 -1.17
C CYS A 15 4.70 1.54 -1.72
N ASN A 16 5.50 2.18 -0.85
CA ASN A 16 6.62 2.98 -1.32
C ASN A 16 7.70 2.20 -2.07
N LEU A 17 7.78 0.88 -1.92
CA LEU A 17 8.71 0.07 -2.68
C LEU A 17 8.57 0.37 -4.18
N TYR A 18 7.36 0.27 -4.73
CA TYR A 18 7.15 0.36 -6.18
C TYR A 18 6.02 1.31 -6.61
N CYS A 19 5.13 1.72 -5.71
CA CYS A 19 3.83 2.21 -6.18
C CYS A 19 3.89 3.58 -6.86
N GLY A 20 4.92 4.40 -6.66
CA GLY A 20 5.01 5.74 -7.23
C GLY A 20 3.69 6.55 -7.08
N PRO A 21 2.97 6.87 -8.17
CA PRO A 21 1.75 7.66 -8.08
C PRO A 21 0.64 6.85 -7.41
N LEU A 22 0.73 5.52 -7.48
CA LEU A 22 -0.22 4.66 -6.81
C LEU A 22 0.03 4.64 -5.30
N ILE A 23 1.16 5.17 -4.79
CA ILE A 23 1.46 5.14 -3.35
C ILE A 23 0.28 5.70 -2.57
N GLU A 24 -0.32 6.77 -3.08
CA GLU A 24 -1.40 7.42 -2.37
C GLU A 24 -2.62 6.51 -2.29
N ILE A 25 -3.11 6.04 -3.43
CA ILE A 25 -4.23 5.09 -3.48
C ILE A 25 -3.90 3.86 -2.63
N CYS A 26 -2.64 3.44 -2.64
CA CYS A 26 -2.18 2.26 -1.94
C CYS A 26 -2.33 2.52 -0.46
N GLU A 27 -1.79 3.63 0.00
CA GLU A 27 -1.91 4.02 1.39
C GLU A 27 -3.39 4.10 1.74
N LEU A 28 -4.20 4.71 0.89
CA LEU A 28 -5.60 4.94 1.13
C LEU A 28 -6.36 3.63 1.30
N THR A 29 -6.31 2.73 0.31
CA THR A 29 -7.01 1.47 0.41
C THR A 29 -6.50 0.66 1.60
N VAL A 30 -5.18 0.66 1.85
CA VAL A 30 -4.66 -0.03 3.02
C VAL A 30 -5.28 0.58 4.29
N MET A 31 -5.37 1.90 4.40
CA MET A 31 -6.04 2.54 5.52
C MET A 31 -7.49 2.07 5.63
N GLN A 32 -8.17 2.07 4.50
CA GLN A 32 -9.57 1.70 4.37
C GLN A 32 -9.82 0.28 4.90
N ASN A 33 -8.90 -0.66 4.66
CA ASN A 33 -9.12 -2.09 4.89
C ASN A 33 -8.23 -2.72 5.96
N CYS A 34 -7.22 -2.01 6.44
CA CYS A 34 -6.22 -2.50 7.37
C CYS A 34 -5.83 -1.33 8.26
N GLU A 35 -5.02 -1.56 9.29
CA GLU A 35 -4.61 -0.54 10.25
C GLU A 35 -3.13 -0.20 10.05
N PRO A 36 -2.75 0.52 8.97
CA PRO A 36 -1.35 0.87 8.75
C PRO A 36 -0.88 1.86 9.81
N PRO A 37 0.44 2.10 9.94
CA PRO A 37 1.50 1.48 9.17
C PRO A 37 1.68 0.01 9.54
N PHE A 38 1.84 -0.85 8.54
CA PHE A 38 2.22 -2.24 8.73
C PHE A 38 3.50 -2.31 9.57
N SER A 39 3.47 -3.03 10.68
CA SER A 39 4.59 -3.12 11.59
C SER A 39 5.79 -3.77 10.91
N ASP A 1 -0.22 -6.27 -10.62
CA ASP A 1 0.87 -5.32 -10.37
C ASP A 1 1.35 -5.44 -8.93
N GLU A 2 2.59 -5.07 -8.71
CA GLU A 2 3.22 -5.19 -7.41
C GLU A 2 2.71 -4.11 -6.47
N CYS A 3 2.25 -2.97 -7.00
CA CYS A 3 1.56 -1.99 -6.18
C CYS A 3 0.26 -2.57 -5.62
N ALA A 4 -0.48 -3.30 -6.45
CA ALA A 4 -1.69 -3.99 -6.03
C ALA A 4 -1.34 -5.07 -5.01
N ASN A 5 -0.34 -5.89 -5.30
CA ASN A 5 0.08 -6.94 -4.38
C ASN A 5 0.45 -6.31 -3.04
N ALA A 6 1.26 -5.25 -3.05
CA ALA A 6 1.65 -4.54 -1.84
C ALA A 6 0.42 -4.08 -1.06
N ALA A 7 -0.56 -3.49 -1.74
CA ALA A 7 -1.80 -3.09 -1.08
C ALA A 7 -2.49 -4.30 -0.47
N ALA A 8 -2.56 -5.42 -1.20
CA ALA A 8 -3.18 -6.63 -0.70
C ALA A 8 -2.42 -7.16 0.52
N GLN A 9 -1.10 -7.01 0.52
CA GLN A 9 -0.21 -7.42 1.59
C GLN A 9 -0.36 -6.43 2.75
N CYS A 10 -0.83 -5.22 2.49
CA CYS A 10 -1.15 -4.18 3.47
C CYS A 10 0.09 -3.69 4.19
N SER A 11 1.01 -3.05 3.45
CA SER A 11 2.17 -2.39 4.01
C SER A 11 2.52 -1.16 3.19
N ILE A 12 2.85 -0.09 3.90
CA ILE A 12 3.18 1.19 3.33
C ILE A 12 4.58 1.17 2.77
N THR A 13 5.48 0.38 3.34
CA THR A 13 6.83 0.31 2.83
C THR A 13 6.75 -0.47 1.53
N LEU A 14 6.05 -1.61 1.52
CA LEU A 14 5.88 -2.36 0.28
C LEU A 14 5.14 -1.54 -0.77
N CYS A 15 4.10 -0.78 -0.38
CA CYS A 15 3.44 0.17 -1.28
C CYS A 15 4.51 1.06 -1.90
N ASN A 16 5.22 1.80 -1.06
CA ASN A 16 6.14 2.86 -1.49
C ASN A 16 7.47 2.35 -2.01
N LEU A 17 7.69 1.05 -1.94
CA LEU A 17 8.74 0.40 -2.70
C LEU A 17 8.47 0.61 -4.19
N TYR A 18 7.32 0.16 -4.72
CA TYR A 18 7.07 0.11 -6.16
C TYR A 18 6.00 1.06 -6.72
N CYS A 19 5.07 1.55 -5.91
CA CYS A 19 3.80 2.09 -6.40
C CYS A 19 3.92 3.39 -7.21
N GLY A 20 4.85 4.28 -6.85
CA GLY A 20 4.97 5.60 -7.48
C GLY A 20 3.82 6.52 -7.10
N PRO A 21 3.06 7.11 -8.05
CA PRO A 21 1.98 8.02 -7.72
C PRO A 21 0.89 7.27 -6.94
N LEU A 22 0.69 6.00 -7.31
CA LEU A 22 -0.26 5.13 -6.66
C LEU A 22 0.17 4.79 -5.24
N ILE A 23 1.32 5.27 -4.74
CA ILE A 23 1.65 5.17 -3.33
C ILE A 23 0.47 5.65 -2.52
N GLU A 24 -0.08 6.81 -2.91
CA GLU A 24 -1.14 7.40 -2.15
C GLU A 24 -2.39 6.53 -2.22
N ILE A 25 -2.77 6.12 -3.42
CA ILE A 25 -3.91 5.23 -3.61
C ILE A 25 -3.74 3.95 -2.78
N CYS A 26 -2.50 3.47 -2.71
CA CYS A 26 -2.16 2.22 -2.06
C CYS A 26 -2.31 2.40 -0.57
N GLU A 27 -1.72 3.49 -0.06
CA GLU A 27 -1.88 3.88 1.33
C GLU A 27 -3.37 3.96 1.64
N LEU A 28 -4.13 4.63 0.79
CA LEU A 28 -5.55 4.87 1.03
C LEU A 28 -6.33 3.57 1.08
N THR A 29 -6.10 2.68 0.12
CA THR A 29 -6.73 1.37 0.13
C THR A 29 -6.41 0.66 1.44
N VAL A 30 -5.12 0.56 1.78
CA VAL A 30 -4.69 -0.11 2.99
C VAL A 30 -5.37 0.52 4.20
N MET A 31 -5.50 1.84 4.26
CA MET A 31 -6.23 2.56 5.29
C MET A 31 -7.68 2.11 5.35
N GLN A 32 -8.29 2.02 4.18
CA GLN A 32 -9.66 1.57 4.02
C GLN A 32 -9.85 0.20 4.68
N ASN A 33 -9.11 -0.80 4.21
CA ASN A 33 -9.31 -2.20 4.63
C ASN A 33 -8.58 -2.50 5.94
N CYS A 34 -7.28 -2.30 5.92
CA CYS A 34 -6.33 -2.60 6.99
C CYS A 34 -6.16 -1.36 7.85
N GLU A 35 -5.12 -1.34 8.69
CA GLU A 35 -4.69 -0.13 9.38
C GLU A 35 -3.19 0.09 9.19
N PRO A 36 -2.78 1.04 8.35
CA PRO A 36 -1.40 1.46 8.20
C PRO A 36 -1.10 2.64 9.13
N PRO A 37 0.17 3.01 9.32
CA PRO A 37 1.36 2.40 8.71
C PRO A 37 1.60 1.01 9.27
N PHE A 38 1.81 0.01 8.40
CA PHE A 38 2.26 -1.30 8.81
C PHE A 38 3.52 -1.20 9.69
N SER A 39 3.66 -2.07 10.70
CA SER A 39 4.78 -2.08 11.63
C SER A 39 5.68 -3.29 11.38
N ASP A 1 -0.55 -4.48 -11.23
CA ASP A 1 0.83 -4.12 -10.88
C ASP A 1 1.17 -4.77 -9.56
N GLU A 2 2.45 -4.79 -9.19
CA GLU A 2 2.86 -5.18 -7.86
C GLU A 2 2.20 -4.25 -6.85
N CYS A 3 1.98 -2.99 -7.22
CA CYS A 3 1.41 -1.98 -6.33
C CYS A 3 0.09 -2.45 -5.71
N ALA A 4 -0.72 -3.17 -6.48
CA ALA A 4 -1.97 -3.75 -6.01
C ALA A 4 -1.67 -4.83 -4.95
N ASN A 5 -0.64 -5.64 -5.20
CA ASN A 5 -0.25 -6.71 -4.29
C ASN A 5 0.20 -6.10 -2.98
N ALA A 6 1.08 -5.10 -3.05
CA ALA A 6 1.57 -4.39 -1.89
C ALA A 6 0.42 -3.90 -1.02
N ALA A 7 -0.61 -3.29 -1.62
CA ALA A 7 -1.79 -2.91 -0.86
C ALA A 7 -2.45 -4.13 -0.24
N ALA A 8 -2.70 -5.18 -1.02
CA ALA A 8 -3.32 -6.40 -0.52
C ALA A 8 -2.51 -7.01 0.64
N GLN A 9 -1.21 -6.79 0.63
CA GLN A 9 -0.30 -7.29 1.63
C GLN A 9 -0.47 -6.47 2.92
N CYS A 10 -0.89 -5.22 2.79
CA CYS A 10 -0.92 -4.22 3.87
C CYS A 10 0.48 -3.95 4.37
N SER A 11 1.26 -3.21 3.60
CA SER A 11 2.42 -2.52 4.09
C SER A 11 2.58 -1.23 3.32
N ILE A 12 2.85 -0.16 4.06
CA ILE A 12 3.11 1.14 3.49
C ILE A 12 4.52 1.15 2.93
N THR A 13 5.40 0.32 3.49
CA THR A 13 6.74 0.24 2.97
C THR A 13 6.66 -0.52 1.65
N LEU A 14 5.90 -1.62 1.56
CA LEU A 14 5.68 -2.24 0.27
C LEU A 14 4.95 -1.31 -0.71
N CYS A 15 4.05 -0.45 -0.23
CA CYS A 15 3.46 0.57 -1.10
C CYS A 15 4.61 1.38 -1.73
N ASN A 16 5.42 2.03 -0.88
CA ASN A 16 6.52 2.87 -1.34
C ASN A 16 7.49 2.12 -2.24
N LEU A 17 7.72 0.85 -1.93
CA LEU A 17 8.66 -0.01 -2.63
C LEU A 17 8.51 0.15 -4.15
N TYR A 18 7.30 0.10 -4.72
CA TYR A 18 7.13 0.23 -6.16
C TYR A 18 5.98 1.13 -6.60
N CYS A 19 5.12 1.66 -5.73
CA CYS A 19 3.85 2.18 -6.24
C CYS A 19 4.03 3.50 -7.00
N GLY A 20 5.02 4.32 -6.64
CA GLY A 20 5.20 5.63 -7.24
C GLY A 20 4.02 6.55 -6.89
N PRO A 21 3.34 7.19 -7.85
CA PRO A 21 2.21 8.04 -7.52
C PRO A 21 1.09 7.22 -6.89
N LEU A 22 0.93 5.97 -7.34
CA LEU A 22 -0.03 5.06 -6.75
C LEU A 22 0.26 4.77 -5.27
N ILE A 23 1.39 5.24 -4.71
CA ILE A 23 1.61 5.19 -3.26
C ILE A 23 0.41 5.81 -2.56
N GLU A 24 -0.24 6.82 -3.16
CA GLU A 24 -1.45 7.35 -2.59
C GLU A 24 -2.56 6.31 -2.61
N ILE A 25 -3.01 5.88 -3.79
CA ILE A 25 -4.12 4.93 -3.88
C ILE A 25 -3.81 3.70 -3.02
N CYS A 26 -2.55 3.31 -2.93
CA CYS A 26 -2.10 2.17 -2.16
C CYS A 26 -2.30 2.46 -0.69
N GLU A 27 -1.75 3.58 -0.22
CA GLU A 27 -1.91 3.96 1.17
C GLU A 27 -3.41 4.02 1.50
N LEU A 28 -4.18 4.61 0.61
CA LEU A 28 -5.62 4.79 0.74
C LEU A 28 -6.33 3.45 0.87
N THR A 29 -6.05 2.52 -0.05
CA THR A 29 -6.64 1.18 -0.02
C THR A 29 -6.28 0.48 1.29
N VAL A 30 -5.01 0.56 1.70
CA VAL A 30 -4.57 -0.05 2.94
C VAL A 30 -5.36 0.57 4.10
N MET A 31 -5.48 1.89 4.16
CA MET A 31 -6.34 2.57 5.12
C MET A 31 -7.74 1.97 5.12
N GLN A 32 -8.26 1.69 3.92
CA GLN A 32 -9.61 1.23 3.69
C GLN A 32 -9.78 -0.27 3.99
N ASN A 33 -8.77 -0.97 4.50
CA ASN A 33 -8.91 -2.38 4.86
C ASN A 33 -8.14 -2.70 6.13
N CYS A 34 -6.87 -2.36 6.15
CA CYS A 34 -5.93 -2.60 7.24
C CYS A 34 -5.98 -1.43 8.22
N GLU A 35 -5.10 -1.40 9.21
CA GLU A 35 -4.83 -0.25 10.07
C GLU A 35 -3.34 0.11 9.91
N PRO A 36 -2.99 0.94 8.91
CA PRO A 36 -1.60 1.28 8.65
C PRO A 36 -1.11 2.38 9.61
N PRO A 37 0.18 2.76 9.57
CA PRO A 37 1.24 2.13 8.81
C PRO A 37 1.53 0.76 9.38
N PHE A 38 1.74 -0.24 8.51
CA PHE A 38 1.93 -1.62 8.91
C PHE A 38 3.04 -1.75 9.96
N SER A 39 2.67 -2.14 11.18
CA SER A 39 3.60 -2.43 12.25
C SER A 39 4.00 -3.91 12.18
N ASP A 1 0.01 -6.74 -10.30
CA ASP A 1 1.17 -5.82 -10.17
C ASP A 1 1.59 -5.75 -8.71
N GLU A 2 2.84 -5.34 -8.50
CA GLU A 2 3.45 -5.23 -7.20
C GLU A 2 2.78 -4.17 -6.35
N CYS A 3 2.36 -3.06 -6.95
CA CYS A 3 1.69 -2.01 -6.20
C CYS A 3 0.38 -2.54 -5.62
N ALA A 4 -0.43 -3.15 -6.47
CA ALA A 4 -1.67 -3.80 -6.05
C ALA A 4 -1.39 -4.86 -4.99
N ASN A 5 -0.38 -5.70 -5.23
CA ASN A 5 0.04 -6.74 -4.30
C ASN A 5 0.37 -6.13 -2.94
N ALA A 6 1.13 -5.03 -2.90
CA ALA A 6 1.44 -4.34 -1.66
C ALA A 6 0.17 -3.93 -0.94
N ALA A 7 -0.79 -3.35 -1.68
CA ALA A 7 -2.07 -2.98 -1.09
C ALA A 7 -2.79 -4.21 -0.54
N ALA A 8 -2.81 -5.32 -1.29
CA ALA A 8 -3.45 -6.54 -0.84
C ALA A 8 -2.74 -7.13 0.36
N GLN A 9 -1.42 -6.94 0.43
CA GLN A 9 -0.58 -7.42 1.51
C GLN A 9 -0.68 -6.46 2.71
N CYS A 10 -1.20 -5.26 2.54
CA CYS A 10 -1.32 -4.23 3.57
C CYS A 10 0.06 -3.81 4.08
N SER A 11 0.89 -3.18 3.25
CA SER A 11 2.07 -2.50 3.73
C SER A 11 2.40 -1.26 2.92
N ILE A 12 2.79 -0.22 3.64
CA ILE A 12 3.05 1.12 3.14
C ILE A 12 4.47 1.19 2.63
N THR A 13 5.38 0.48 3.29
CA THR A 13 6.74 0.43 2.82
C THR A 13 6.76 -0.43 1.56
N LEU A 14 6.02 -1.55 1.50
CA LEU A 14 5.84 -2.24 0.23
C LEU A 14 5.17 -1.33 -0.81
N CYS A 15 4.15 -0.56 -0.43
CA CYS A 15 3.51 0.37 -1.35
C CYS A 15 4.60 1.25 -1.96
N ASN A 16 5.27 2.05 -1.14
CA ASN A 16 6.26 3.03 -1.59
C ASN A 16 7.50 2.42 -2.20
N LEU A 17 7.78 1.16 -1.94
CA LEU A 17 8.80 0.42 -2.66
C LEU A 17 8.55 0.52 -4.17
N TYR A 18 7.33 0.24 -4.67
CA TYR A 18 7.06 0.04 -6.09
C TYR A 18 6.02 0.99 -6.71
N CYS A 19 5.15 1.61 -5.91
CA CYS A 19 3.89 2.17 -6.39
C CYS A 19 4.06 3.50 -7.15
N GLY A 20 5.00 4.36 -6.78
CA GLY A 20 5.15 5.70 -7.35
C GLY A 20 3.96 6.62 -7.06
N PRO A 21 3.19 7.09 -8.05
CA PRO A 21 2.03 7.95 -7.76
C PRO A 21 0.95 7.15 -7.05
N LEU A 22 0.83 5.87 -7.39
CA LEU A 22 -0.13 5.00 -6.75
C LEU A 22 0.21 4.76 -5.27
N ILE A 23 1.34 5.25 -4.76
CA ILE A 23 1.65 5.12 -3.34
C ILE A 23 0.45 5.57 -2.53
N GLU A 24 -0.10 6.70 -2.92
CA GLU A 24 -1.14 7.31 -2.14
C GLU A 24 -2.41 6.50 -2.23
N ILE A 25 -2.82 6.09 -3.43
CA ILE A 25 -3.95 5.18 -3.61
C ILE A 25 -3.73 3.91 -2.77
N CYS A 26 -2.49 3.43 -2.74
CA CYS A 26 -2.14 2.17 -2.12
C CYS A 26 -2.31 2.32 -0.62
N GLU A 27 -1.70 3.38 -0.09
CA GLU A 27 -1.86 3.74 1.31
C GLU A 27 -3.35 3.88 1.65
N LEU A 28 -4.10 4.55 0.78
CA LEU A 28 -5.54 4.73 0.93
C LEU A 28 -6.25 3.38 1.02
N THR A 29 -5.99 2.48 0.07
CA THR A 29 -6.59 1.17 0.03
C THR A 29 -6.29 0.43 1.34
N VAL A 30 -5.04 0.48 1.78
CA VAL A 30 -4.65 -0.15 3.02
C VAL A 30 -5.43 0.47 4.18
N MET A 31 -5.47 1.79 4.32
CA MET A 31 -6.27 2.48 5.33
C MET A 31 -7.71 1.95 5.31
N GLN A 32 -8.27 1.83 4.12
CA GLN A 32 -9.64 1.37 3.94
C GLN A 32 -9.87 -0.04 4.48
N ASN A 33 -8.85 -0.90 4.55
CA ASN A 33 -9.02 -2.33 4.88
C ASN A 33 -8.11 -2.85 5.99
N CYS A 34 -7.26 -2.00 6.55
CA CYS A 34 -6.21 -2.34 7.51
C CYS A 34 -5.93 -1.07 8.30
N GLU A 35 -5.06 -1.14 9.31
CA GLU A 35 -4.53 0.03 9.99
C GLU A 35 -3.04 0.18 9.64
N PRO A 36 -2.71 0.88 8.56
CA PRO A 36 -1.32 1.23 8.30
C PRO A 36 -0.85 2.26 9.34
N PRO A 37 0.43 2.66 9.36
CA PRO A 37 1.53 2.07 8.61
C PRO A 37 1.78 0.66 9.13
N PHE A 38 1.87 -0.31 8.22
CA PHE A 38 2.15 -1.67 8.58
C PHE A 38 3.46 -1.74 9.37
N SER A 39 3.33 -2.01 10.66
CA SER A 39 4.38 -2.08 11.65
C SER A 39 4.16 -3.39 12.37
N ASP A 1 -1.19 -3.51 -10.43
CA ASP A 1 0.22 -3.92 -10.54
C ASP A 1 0.67 -4.54 -9.21
N GLU A 2 1.96 -4.83 -9.05
CA GLU A 2 2.57 -5.20 -7.78
C GLU A 2 2.24 -4.20 -6.67
N CYS A 3 2.02 -2.94 -7.03
CA CYS A 3 1.56 -1.93 -6.10
C CYS A 3 0.27 -2.38 -5.41
N ALA A 4 -0.69 -2.89 -6.17
CA ALA A 4 -1.92 -3.45 -5.64
C ALA A 4 -1.63 -4.63 -4.72
N ASN A 5 -0.66 -5.49 -5.08
CA ASN A 5 -0.29 -6.61 -4.22
C ASN A 5 0.20 -6.08 -2.87
N ALA A 6 1.08 -5.08 -2.89
CA ALA A 6 1.53 -4.44 -1.67
C ALA A 6 0.36 -3.89 -0.86
N ALA A 7 -0.62 -3.27 -1.54
CA ALA A 7 -1.83 -2.80 -0.90
C ALA A 7 -2.56 -3.96 -0.21
N ALA A 8 -2.78 -5.05 -0.93
CA ALA A 8 -3.44 -6.24 -0.42
C ALA A 8 -2.71 -6.74 0.82
N GLN A 9 -1.38 -6.75 0.79
CA GLN A 9 -0.58 -7.24 1.89
C GLN A 9 -0.58 -6.25 3.06
N CYS A 10 -1.16 -5.05 2.90
CA CYS A 10 -1.24 -4.05 3.95
C CYS A 10 0.17 -3.69 4.40
N SER A 11 0.94 -3.05 3.53
CA SER A 11 2.24 -2.49 3.87
C SER A 11 2.50 -1.23 3.08
N ILE A 12 2.68 -0.14 3.81
CA ILE A 12 3.06 1.14 3.24
C ILE A 12 4.50 1.06 2.72
N THR A 13 5.32 0.20 3.31
CA THR A 13 6.70 0.11 2.89
C THR A 13 6.69 -0.58 1.53
N LEU A 14 6.04 -1.74 1.43
CA LEU A 14 5.92 -2.43 0.16
C LEU A 14 5.16 -1.60 -0.87
N CYS A 15 4.18 -0.78 -0.44
CA CYS A 15 3.52 0.18 -1.32
C CYS A 15 4.62 1.05 -1.92
N ASN A 16 5.20 1.91 -1.10
CA ASN A 16 6.22 2.88 -1.53
C ASN A 16 7.30 2.27 -2.39
N LEU A 17 7.74 1.06 -2.03
CA LEU A 17 8.79 0.34 -2.70
C LEU A 17 8.63 0.43 -4.23
N TYR A 18 7.42 0.17 -4.76
CA TYR A 18 7.20 0.16 -6.21
C TYR A 18 6.10 1.09 -6.69
N CYS A 19 5.22 1.56 -5.81
CA CYS A 19 3.99 2.22 -6.22
C CYS A 19 4.26 3.59 -6.86
N GLY A 20 5.23 4.35 -6.36
CA GLY A 20 5.46 5.70 -6.84
C GLY A 20 4.20 6.56 -6.76
N PRO A 21 3.65 7.09 -7.86
CA PRO A 21 2.45 7.89 -7.79
C PRO A 21 1.26 7.07 -7.32
N LEU A 22 1.23 5.75 -7.59
CA LEU A 22 0.22 4.87 -7.05
C LEU A 22 0.26 4.80 -5.51
N ILE A 23 1.30 5.33 -4.85
CA ILE A 23 1.44 5.24 -3.40
C ILE A 23 0.18 5.75 -2.74
N GLU A 24 -0.39 6.84 -3.25
CA GLU A 24 -1.50 7.47 -2.59
C GLU A 24 -2.71 6.53 -2.52
N ILE A 25 -3.23 6.10 -3.67
CA ILE A 25 -4.30 5.11 -3.72
C ILE A 25 -3.90 3.84 -2.95
N CYS A 26 -2.62 3.51 -2.90
CA CYS A 26 -2.14 2.35 -2.16
C CYS A 26 -2.37 2.58 -0.68
N GLU A 27 -1.88 3.71 -0.15
CA GLU A 27 -2.01 4.05 1.26
C GLU A 27 -3.50 4.08 1.59
N LEU A 28 -4.30 4.65 0.68
CA LEU A 28 -5.73 4.74 0.85
C LEU A 28 -6.36 3.35 0.92
N THR A 29 -5.98 2.44 0.02
CA THR A 29 -6.43 1.06 0.05
C THR A 29 -6.03 0.42 1.37
N VAL A 30 -4.79 0.63 1.82
CA VAL A 30 -4.29 0.02 3.03
C VAL A 30 -5.13 0.51 4.23
N MET A 31 -5.42 1.82 4.29
CA MET A 31 -6.36 2.37 5.27
C MET A 31 -7.73 1.68 5.17
N GLN A 32 -8.12 1.40 3.94
CA GLN A 32 -9.39 0.75 3.65
C GLN A 32 -9.43 -0.67 4.23
N ASN A 33 -8.43 -1.50 3.92
CA ASN A 33 -8.41 -2.93 4.28
C ASN A 33 -7.89 -3.18 5.69
N CYS A 34 -7.10 -2.27 6.25
CA CYS A 34 -6.31 -2.51 7.45
C CYS A 34 -6.04 -1.18 8.15
N GLU A 35 -5.15 -1.19 9.15
CA GLU A 35 -4.63 0.02 9.76
C GLU A 35 -3.14 0.19 9.40
N PRO A 36 -2.79 1.06 8.45
CA PRO A 36 -1.40 1.47 8.24
C PRO A 36 -0.99 2.49 9.32
N PRO A 37 0.29 2.86 9.38
CA PRO A 37 1.39 2.30 8.61
C PRO A 37 1.69 0.91 9.14
N PHE A 38 1.77 -0.10 8.27
CA PHE A 38 2.08 -1.41 8.76
C PHE A 38 3.59 -1.49 9.03
N SER A 39 3.96 -2.21 10.09
CA SER A 39 5.26 -2.77 10.33
C SER A 39 5.02 -3.78 11.45
N ASP A 1 -0.56 -5.30 -11.28
CA ASP A 1 0.68 -4.64 -10.83
C ASP A 1 1.09 -5.13 -9.45
N GLU A 2 2.39 -5.26 -9.24
CA GLU A 2 2.91 -5.64 -7.92
C GLU A 2 2.52 -4.57 -6.90
N CYS A 3 2.40 -3.32 -7.35
CA CYS A 3 1.85 -2.24 -6.54
C CYS A 3 0.46 -2.56 -5.98
N ALA A 4 -0.41 -3.24 -6.76
CA ALA A 4 -1.67 -3.74 -6.22
C ALA A 4 -1.40 -4.76 -5.12
N ASN A 5 -0.55 -5.73 -5.42
CA ASN A 5 -0.18 -6.79 -4.47
C ASN A 5 0.35 -6.17 -3.17
N ALA A 6 1.12 -5.09 -3.24
CA ALA A 6 1.59 -4.38 -2.06
C ALA A 6 0.43 -3.89 -1.20
N ALA A 7 -0.60 -3.30 -1.80
CA ALA A 7 -1.80 -2.93 -1.07
C ALA A 7 -2.44 -4.19 -0.48
N ALA A 8 -2.62 -5.21 -1.30
CA ALA A 8 -3.22 -6.46 -0.86
C ALA A 8 -2.46 -7.08 0.31
N GLN A 9 -1.16 -6.86 0.36
CA GLN A 9 -0.25 -7.35 1.39
C GLN A 9 -0.34 -6.51 2.68
N CYS A 10 -1.04 -5.37 2.66
CA CYS A 10 -1.16 -4.44 3.77
C CYS A 10 0.22 -4.04 4.30
N SER A 11 0.97 -3.26 3.53
CA SER A 11 2.11 -2.53 4.02
C SER A 11 2.26 -1.22 3.28
N ILE A 12 2.49 -0.16 4.04
CA ILE A 12 2.71 1.17 3.50
C ILE A 12 4.14 1.24 2.98
N THR A 13 5.02 0.45 3.57
CA THR A 13 6.37 0.44 3.08
C THR A 13 6.36 -0.30 1.74
N LEU A 14 5.71 -1.45 1.64
CA LEU A 14 5.63 -2.13 0.35
C LEU A 14 4.94 -1.24 -0.69
N CYS A 15 3.88 -0.51 -0.30
CA CYS A 15 3.27 0.50 -1.15
C CYS A 15 4.38 1.41 -1.67
N ASN A 16 5.06 2.12 -0.77
CA ASN A 16 6.15 3.01 -1.15
C ASN A 16 7.25 2.36 -1.96
N LEU A 17 7.50 1.07 -1.73
CA LEU A 17 8.63 0.39 -2.31
C LEU A 17 8.56 0.50 -3.83
N TYR A 18 7.38 0.30 -4.44
CA TYR A 18 7.24 0.30 -5.89
C TYR A 18 6.00 1.02 -6.44
N CYS A 19 5.13 1.65 -5.63
CA CYS A 19 3.86 2.08 -6.22
C CYS A 19 4.01 3.31 -7.10
N GLY A 20 4.99 4.17 -6.86
CA GLY A 20 5.15 5.39 -7.63
C GLY A 20 4.03 6.39 -7.31
N PRO A 21 3.34 6.98 -8.28
CA PRO A 21 2.22 7.87 -7.98
C PRO A 21 1.14 7.11 -7.21
N LEU A 22 0.91 5.83 -7.53
CA LEU A 22 -0.13 5.06 -6.92
C LEU A 22 0.13 4.82 -5.43
N ILE A 23 1.30 5.20 -4.90
CA ILE A 23 1.58 5.16 -3.47
C ILE A 23 0.41 5.74 -2.70
N GLU A 24 -0.18 6.81 -3.21
CA GLU A 24 -1.29 7.45 -2.57
C GLU A 24 -2.48 6.51 -2.48
N ILE A 25 -2.99 6.05 -3.62
CA ILE A 25 -4.15 5.15 -3.65
C ILE A 25 -3.85 3.93 -2.80
N CYS A 26 -2.60 3.48 -2.80
CA CYS A 26 -2.15 2.30 -2.08
C CYS A 26 -2.23 2.57 -0.59
N GLU A 27 -1.69 3.71 -0.13
CA GLU A 27 -1.76 4.04 1.28
C GLU A 27 -3.23 4.15 1.67
N LEU A 28 -4.04 4.67 0.76
CA LEU A 28 -5.47 4.77 0.92
C LEU A 28 -6.10 3.38 1.09
N THR A 29 -5.81 2.43 0.21
CA THR A 29 -6.38 1.09 0.26
C THR A 29 -6.10 0.48 1.62
N VAL A 30 -4.83 0.53 2.02
CA VAL A 30 -4.43 -0.10 3.25
C VAL A 30 -5.16 0.58 4.43
N MET A 31 -5.33 1.90 4.39
CA MET A 31 -6.13 2.58 5.40
C MET A 31 -7.57 2.08 5.38
N GLN A 32 -8.11 1.88 4.18
CA GLN A 32 -9.49 1.45 3.99
C GLN A 32 -9.72 0.07 4.61
N ASN A 33 -8.75 -0.86 4.46
CA ASN A 33 -8.96 -2.28 4.76
C ASN A 33 -8.26 -2.78 6.03
N CYS A 34 -7.09 -2.24 6.38
CA CYS A 34 -6.18 -2.75 7.40
C CYS A 34 -5.95 -1.67 8.45
N GLU A 35 -5.05 -1.87 9.42
CA GLU A 35 -4.63 -0.84 10.36
C GLU A 35 -3.19 -0.44 10.05
N PRO A 36 -2.93 0.41 9.05
CA PRO A 36 -1.58 0.90 8.82
C PRO A 36 -1.18 1.94 9.89
N PRO A 37 0.09 2.36 9.92
CA PRO A 37 1.18 1.84 9.11
C PRO A 37 1.50 0.40 9.51
N PHE A 38 1.79 -0.45 8.53
CA PHE A 38 2.29 -1.77 8.83
C PHE A 38 3.66 -1.68 9.51
N SER A 39 4.08 -2.79 10.09
CA SER A 39 5.32 -2.92 10.82
C SER A 39 6.49 -2.63 9.91
N ASP A 1 -1.30 -5.12 -10.48
CA ASP A 1 0.10 -4.71 -10.60
C ASP A 1 0.79 -4.97 -9.27
N GLU A 2 2.11 -4.83 -9.24
CA GLU A 2 2.93 -4.98 -8.06
C GLU A 2 2.43 -4.06 -6.96
N CYS A 3 2.09 -2.82 -7.34
CA CYS A 3 1.57 -1.85 -6.39
C CYS A 3 0.31 -2.40 -5.70
N ALA A 4 -0.64 -2.88 -6.50
CA ALA A 4 -1.85 -3.50 -5.97
C ALA A 4 -1.47 -4.68 -5.06
N ASN A 5 -0.45 -5.47 -5.43
CA ASN A 5 0.00 -6.56 -4.57
C ASN A 5 0.43 -6.01 -3.21
N ALA A 6 1.27 -4.97 -3.19
CA ALA A 6 1.69 -4.33 -1.94
C ALA A 6 0.47 -3.89 -1.13
N ALA A 7 -0.49 -3.25 -1.79
CA ALA A 7 -1.73 -2.84 -1.14
C ALA A 7 -2.41 -4.07 -0.53
N ALA A 8 -2.52 -5.16 -1.28
CA ALA A 8 -3.11 -6.40 -0.79
C ALA A 8 -2.34 -6.96 0.39
N GLN A 9 -1.03 -6.72 0.45
CA GLN A 9 -0.21 -7.15 1.58
C GLN A 9 -0.48 -6.27 2.80
N CYS A 10 -1.10 -5.09 2.64
CA CYS A 10 -1.24 -4.09 3.69
C CYS A 10 0.14 -3.75 4.25
N SER A 11 1.00 -3.10 3.46
CA SER A 11 2.22 -2.50 3.97
C SER A 11 2.56 -1.24 3.22
N ILE A 12 2.86 -0.21 4.01
CA ILE A 12 3.27 1.09 3.56
C ILE A 12 4.68 1.00 2.98
N THR A 13 5.52 0.16 3.57
CA THR A 13 6.88 0.07 3.10
C THR A 13 6.89 -0.68 1.77
N LEU A 14 6.06 -1.72 1.62
CA LEU A 14 5.89 -2.36 0.32
C LEU A 14 5.20 -1.43 -0.68
N CYS A 15 4.22 -0.63 -0.24
CA CYS A 15 3.59 0.35 -1.12
C CYS A 15 4.71 1.19 -1.74
N ASN A 16 5.45 1.87 -0.87
CA ASN A 16 6.47 2.83 -1.28
C ASN A 16 7.66 2.20 -2.03
N LEU A 17 7.76 0.87 -2.04
CA LEU A 17 8.83 0.14 -2.71
C LEU A 17 8.67 0.25 -4.24
N TYR A 18 7.43 0.21 -4.75
CA TYR A 18 7.16 0.19 -6.18
C TYR A 18 6.06 1.15 -6.64
N CYS A 19 5.20 1.64 -5.75
CA CYS A 19 3.94 2.21 -6.19
C CYS A 19 4.11 3.60 -6.84
N GLY A 20 5.14 4.36 -6.49
CA GLY A 20 5.32 5.73 -6.97
C GLY A 20 4.06 6.59 -6.80
N PRO A 21 3.38 7.05 -7.86
CA PRO A 21 2.18 7.86 -7.73
C PRO A 21 1.06 7.04 -7.09
N LEU A 22 1.01 5.74 -7.42
CA LEU A 22 0.00 4.85 -6.87
C LEU A 22 0.21 4.62 -5.38
N ILE A 23 1.30 5.13 -4.78
CA ILE A 23 1.48 5.07 -3.34
C ILE A 23 0.21 5.60 -2.68
N GLU A 24 -0.43 6.59 -3.29
CA GLU A 24 -1.68 7.09 -2.77
C GLU A 24 -2.76 6.02 -2.70
N ILE A 25 -3.19 5.48 -3.83
CA ILE A 25 -4.26 4.46 -3.85
C ILE A 25 -3.89 3.31 -2.93
N CYS A 26 -2.59 3.02 -2.86
CA CYS A 26 -2.06 1.94 -2.03
C CYS A 26 -2.29 2.28 -0.57
N GLU A 27 -1.85 3.48 -0.18
CA GLU A 27 -2.02 3.94 1.19
C GLU A 27 -3.52 3.93 1.51
N LEU A 28 -4.32 4.46 0.58
CA LEU A 28 -5.75 4.68 0.75
C LEU A 28 -6.47 3.36 0.97
N THR A 29 -6.34 2.43 0.02
CA THR A 29 -6.83 1.07 0.16
C THR A 29 -6.47 0.52 1.54
N VAL A 30 -5.18 0.55 1.84
CA VAL A 30 -4.65 -0.05 3.05
C VAL A 30 -5.35 0.57 4.26
N MET A 31 -5.46 1.90 4.32
CA MET A 31 -6.20 2.61 5.35
C MET A 31 -7.68 2.18 5.41
N GLN A 32 -8.24 1.92 4.24
CA GLN A 32 -9.63 1.54 4.11
C GLN A 32 -9.88 0.19 4.74
N ASN A 33 -9.03 -0.79 4.48
CA ASN A 33 -9.18 -2.14 5.04
C ASN A 33 -8.53 -2.19 6.40
N CYS A 34 -7.20 -2.19 6.39
CA CYS A 34 -6.38 -2.40 7.58
C CYS A 34 -6.03 -1.04 8.18
N GLU A 35 -5.23 -1.02 9.24
CA GLU A 35 -4.85 0.19 9.92
C GLU A 35 -3.33 0.36 9.83
N PRO A 36 -2.81 1.05 8.81
CA PRO A 36 -1.38 1.26 8.67
C PRO A 36 -0.86 2.21 9.75
N PRO A 37 0.46 2.39 9.91
CA PRO A 37 1.52 1.68 9.22
C PRO A 37 1.52 0.20 9.60
N PHE A 38 1.77 -0.67 8.63
CA PHE A 38 1.80 -2.11 8.86
C PHE A 38 2.78 -2.50 9.96
N SER A 39 2.53 -3.65 10.59
CA SER A 39 3.44 -4.27 11.52
C SER A 39 4.51 -5.02 10.71
N ASP A 1 1.03 -5.80 -10.81
CA ASP A 1 2.43 -5.57 -10.40
C ASP A 1 2.46 -5.63 -8.89
N GLU A 2 3.67 -5.60 -8.35
CA GLU A 2 3.87 -5.70 -6.91
C GLU A 2 3.23 -4.53 -6.16
N CYS A 3 2.95 -3.41 -6.83
CA CYS A 3 2.16 -2.33 -6.24
C CYS A 3 0.80 -2.85 -5.75
N ALA A 4 0.09 -3.61 -6.61
CA ALA A 4 -1.21 -4.17 -6.24
C ALA A 4 -1.04 -5.11 -5.05
N ASN A 5 -0.05 -5.99 -5.14
CA ASN A 5 0.30 -6.91 -4.06
C ASN A 5 0.49 -6.14 -2.77
N ALA A 6 1.25 -5.04 -2.80
CA ALA A 6 1.53 -4.27 -1.60
C ALA A 6 0.26 -3.82 -0.90
N ALA A 7 -0.71 -3.32 -1.67
CA ALA A 7 -2.01 -2.98 -1.11
C ALA A 7 -2.69 -4.23 -0.54
N ALA A 8 -2.63 -5.35 -1.27
CA ALA A 8 -3.23 -6.60 -0.80
C ALA A 8 -2.62 -7.05 0.54
N GLN A 9 -1.30 -6.91 0.68
CA GLN A 9 -0.54 -7.20 1.90
C GLN A 9 -0.61 -6.03 2.88
N CYS A 10 -1.32 -4.96 2.51
CA CYS A 10 -1.52 -3.70 3.18
C CYS A 10 -0.24 -3.18 3.82
N SER A 11 0.86 -3.17 3.05
CA SER A 11 2.16 -2.73 3.53
C SER A 11 2.54 -1.46 2.82
N ILE A 12 2.69 -0.40 3.60
CA ILE A 12 3.13 0.90 3.14
C ILE A 12 4.56 0.81 2.64
N THR A 13 5.35 -0.11 3.17
CA THR A 13 6.74 -0.19 2.76
C THR A 13 6.75 -0.79 1.35
N LEU A 14 5.98 -1.86 1.12
CA LEU A 14 5.86 -2.38 -0.23
C LEU A 14 5.15 -1.38 -1.16
N CYS A 15 4.15 -0.65 -0.66
CA CYS A 15 3.44 0.37 -1.44
C CYS A 15 4.52 1.32 -1.98
N ASN A 16 5.32 1.86 -1.09
CA ASN A 16 6.36 2.80 -1.44
C ASN A 16 7.46 2.18 -2.26
N LEU A 17 7.67 0.88 -2.17
CA LEU A 17 8.63 0.23 -3.04
C LEU A 17 8.19 0.40 -4.50
N TYR A 18 6.93 0.10 -4.81
CA TYR A 18 6.49 -0.11 -6.19
C TYR A 18 5.53 0.94 -6.76
N CYS A 19 4.79 1.69 -5.94
CA CYS A 19 3.58 2.32 -6.45
C CYS A 19 3.76 3.71 -7.04
N GLY A 20 4.95 4.31 -7.01
CA GLY A 20 5.18 5.63 -7.60
C GLY A 20 4.19 6.67 -7.05
N PRO A 21 3.31 7.27 -7.86
CA PRO A 21 2.29 8.19 -7.36
C PRO A 21 1.23 7.42 -6.59
N LEU A 22 0.86 6.23 -7.09
CA LEU A 22 -0.20 5.42 -6.54
C LEU A 22 0.11 4.92 -5.14
N ILE A 23 1.29 5.22 -4.59
CA ILE A 23 1.53 5.13 -3.16
C ILE A 23 0.34 5.73 -2.42
N GLU A 24 -0.22 6.83 -2.94
CA GLU A 24 -1.37 7.46 -2.35
C GLU A 24 -2.55 6.49 -2.34
N ILE A 25 -3.05 6.10 -3.51
CA ILE A 25 -4.18 5.18 -3.59
C ILE A 25 -3.89 3.93 -2.79
N CYS A 26 -2.63 3.52 -2.70
CA CYS A 26 -2.21 2.35 -1.95
C CYS A 26 -2.44 2.63 -0.47
N GLU A 27 -1.89 3.74 0.04
CA GLU A 27 -2.05 4.09 1.45
C GLU A 27 -3.55 4.19 1.75
N LEU A 28 -4.30 4.82 0.84
CA LEU A 28 -5.72 5.07 0.99
C LEU A 28 -6.49 3.74 1.11
N THR A 29 -6.32 2.87 0.13
CA THR A 29 -6.94 1.56 0.09
C THR A 29 -6.59 0.76 1.35
N VAL A 30 -5.34 0.88 1.78
CA VAL A 30 -4.85 0.21 2.95
C VAL A 30 -5.53 0.75 4.20
N MET A 31 -5.64 2.07 4.35
CA MET A 31 -6.42 2.69 5.40
C MET A 31 -7.83 2.10 5.42
N GLN A 32 -8.34 1.79 4.24
CA GLN A 32 -9.67 1.26 4.02
C GLN A 32 -9.80 -0.25 4.26
N ASN A 33 -8.74 -0.97 4.63
CA ASN A 33 -8.85 -2.42 4.85
C ASN A 33 -7.93 -3.00 5.93
N CYS A 34 -6.96 -2.24 6.42
CA CYS A 34 -6.00 -2.70 7.43
C CYS A 34 -5.59 -1.48 8.23
N GLU A 35 -4.79 -1.66 9.27
CA GLU A 35 -4.07 -0.57 9.92
C GLU A 35 -2.69 -0.47 9.28
N PRO A 36 -2.37 0.59 8.54
CA PRO A 36 -0.99 0.94 8.28
C PRO A 36 -0.48 1.86 9.40
N PRO A 37 0.81 2.23 9.41
CA PRO A 37 1.89 1.62 8.65
C PRO A 37 2.06 0.17 9.08
N PHE A 38 2.15 -0.75 8.12
CA PHE A 38 2.36 -2.15 8.40
C PHE A 38 3.62 -2.36 9.22
N SER A 39 3.51 -2.99 10.38
CA SER A 39 4.63 -3.24 11.25
C SER A 39 5.54 -4.29 10.63
N ASP A 1 0.67 -6.35 -11.19
CA ASP A 1 1.91 -5.70 -10.77
C ASP A 1 2.21 -6.06 -9.33
N GLU A 2 3.27 -5.47 -8.79
CA GLU A 2 3.66 -5.71 -7.42
C GLU A 2 3.03 -4.68 -6.48
N CYS A 3 2.87 -3.47 -7.01
CA CYS A 3 2.28 -2.40 -6.24
C CYS A 3 0.93 -2.85 -5.72
N ALA A 4 0.05 -3.23 -6.65
CA ALA A 4 -1.27 -3.69 -6.30
C ALA A 4 -1.17 -4.75 -5.22
N ASN A 5 -0.19 -5.65 -5.40
CA ASN A 5 0.03 -6.72 -4.45
C ASN A 5 0.51 -6.14 -3.13
N ALA A 6 1.28 -5.06 -3.22
CA ALA A 6 1.82 -4.40 -2.06
C ALA A 6 0.68 -3.94 -1.17
N ALA A 7 -0.30 -3.27 -1.78
CA ALA A 7 -1.45 -2.78 -1.05
C ALA A 7 -2.19 -3.95 -0.43
N ALA A 8 -2.23 -5.07 -1.16
CA ALA A 8 -2.90 -6.26 -0.71
C ALA A 8 -2.18 -6.79 0.53
N GLN A 9 -0.87 -6.54 0.59
CA GLN A 9 -0.07 -6.98 1.70
C GLN A 9 -0.32 -6.10 2.91
N CYS A 10 -1.04 -5.02 2.71
CA CYS A 10 -1.37 -4.10 3.78
C CYS A 10 -0.08 -3.50 4.32
N SER A 11 0.65 -2.82 3.44
CA SER A 11 1.89 -2.19 3.82
C SER A 11 2.09 -0.91 3.03
N ILE A 12 2.92 -0.02 3.58
CA ILE A 12 3.19 1.26 2.95
C ILE A 12 4.58 1.22 2.34
N THR A 13 5.46 0.43 2.95
CA THR A 13 6.82 0.31 2.48
C THR A 13 6.86 -0.53 1.20
N LEU A 14 6.02 -1.55 1.16
CA LEU A 14 5.96 -2.43 0.00
C LEU A 14 5.29 -1.69 -1.14
N CYS A 15 4.45 -0.70 -0.79
CA CYS A 15 3.75 0.07 -1.78
C CYS A 15 4.76 0.93 -2.52
N ASN A 16 5.30 1.93 -1.81
CA ASN A 16 6.28 2.82 -2.39
C ASN A 16 7.41 2.01 -3.00
N LEU A 17 7.49 0.74 -2.61
CA LEU A 17 8.51 -0.15 -3.10
C LEU A 17 8.49 -0.15 -4.62
N TYR A 18 7.27 -0.13 -5.17
CA TYR A 18 7.10 -0.13 -6.61
C TYR A 18 5.77 0.51 -6.99
N CYS A 19 5.22 1.29 -6.07
CA CYS A 19 3.95 1.96 -6.29
C CYS A 19 4.26 3.33 -6.90
N GLY A 20 4.84 4.20 -6.08
CA GLY A 20 5.18 5.54 -6.51
C GLY A 20 4.01 6.50 -6.29
N PRO A 21 3.40 6.94 -7.39
CA PRO A 21 2.27 7.85 -7.33
C PRO A 21 1.01 7.15 -6.87
N LEU A 22 1.09 5.81 -6.83
CA LEU A 22 -0.04 5.02 -6.42
C LEU A 22 0.01 4.81 -4.90
N ILE A 23 1.17 5.13 -4.32
CA ILE A 23 1.36 5.00 -2.90
C ILE A 23 0.16 5.61 -2.16
N GLU A 24 -0.28 6.76 -2.64
CA GLU A 24 -1.41 7.44 -2.05
C GLU A 24 -2.62 6.52 -2.00
N ILE A 25 -3.10 6.13 -3.20
CA ILE A 25 -4.24 5.25 -3.30
C ILE A 25 -3.91 3.91 -2.64
N CYS A 26 -2.62 3.65 -2.47
CA CYS A 26 -2.16 2.42 -1.86
C CYS A 26 -2.36 2.54 -0.36
N GLU A 27 -1.99 3.69 0.19
CA GLU A 27 -2.14 3.93 1.61
C GLU A 27 -3.59 4.17 1.96
N LEU A 28 -4.38 4.55 0.95
CA LEU A 28 -5.78 4.82 1.15
C LEU A 28 -6.52 3.50 1.33
N THR A 29 -6.45 2.65 0.31
CA THR A 29 -7.10 1.35 0.34
C THR A 29 -6.68 0.58 1.58
N VAL A 30 -5.38 0.66 1.90
CA VAL A 30 -4.85 -0.03 3.06
C VAL A 30 -5.58 0.47 4.30
N MET A 31 -6.10 1.68 4.23
CA MET A 31 -6.82 2.28 5.32
C MET A 31 -8.29 1.87 5.31
N GLN A 32 -8.84 1.74 4.10
CA GLN A 32 -10.22 1.37 3.93
C GLN A 32 -10.43 -0.10 4.31
N ASN A 33 -9.33 -0.77 4.66
CA ASN A 33 -9.36 -2.15 5.04
C ASN A 33 -8.42 -2.39 6.21
N CYS A 34 -7.22 -1.84 6.08
CA CYS A 34 -6.19 -1.98 7.10
C CYS A 34 -6.05 -0.65 7.84
N GLU A 35 -5.10 -0.59 8.75
CA GLU A 35 -4.86 0.61 9.52
C GLU A 35 -3.43 1.10 9.33
N PRO A 36 -3.17 1.69 8.14
CA PRO A 36 -1.87 2.21 7.82
C PRO A 36 -1.55 3.50 8.58
N PRO A 37 -0.29 3.94 8.48
CA PRO A 37 0.72 3.25 7.70
C PRO A 37 1.19 1.99 8.42
N PHE A 38 1.41 0.92 7.64
CA PHE A 38 1.87 -0.33 8.20
C PHE A 38 3.10 -0.12 9.08
N SER A 39 3.02 -0.62 10.31
CA SER A 39 4.12 -0.49 11.24
C SER A 39 5.44 -0.81 10.54
N ASP A 1 1.26 -6.40 -10.97
CA ASP A 1 2.20 -5.44 -10.42
C ASP A 1 2.29 -5.62 -8.91
N GLU A 2 3.36 -5.09 -8.34
CA GLU A 2 3.64 -5.27 -6.94
C GLU A 2 2.89 -4.20 -6.15
N CYS A 3 2.61 -3.05 -6.76
CA CYS A 3 1.82 -2.01 -6.12
C CYS A 3 0.48 -2.56 -5.63
N ALA A 4 -0.22 -3.29 -6.50
CA ALA A 4 -1.42 -4.00 -6.12
C ALA A 4 -1.13 -4.96 -4.97
N ASN A 5 -0.09 -5.79 -5.10
CA ASN A 5 0.24 -6.76 -4.07
C ASN A 5 0.66 -6.12 -2.74
N ALA A 6 1.07 -4.86 -2.77
CA ALA A 6 1.43 -4.08 -1.60
C ALA A 6 0.18 -3.67 -0.85
N ALA A 7 -0.80 -3.14 -1.59
CA ALA A 7 -2.11 -2.85 -1.04
C ALA A 7 -2.71 -4.14 -0.47
N ALA A 8 -2.66 -5.20 -1.26
CA ALA A 8 -3.14 -6.52 -0.89
C ALA A 8 -2.49 -7.01 0.40
N GLN A 9 -1.16 -6.90 0.49
CA GLN A 9 -0.43 -7.37 1.65
C GLN A 9 -0.65 -6.42 2.82
N CYS A 10 -1.22 -5.24 2.59
CA CYS A 10 -1.48 -4.23 3.60
C CYS A 10 -0.15 -3.75 4.14
N SER A 11 0.66 -3.11 3.29
CA SER A 11 1.93 -2.55 3.68
C SER A 11 2.25 -1.27 2.93
N ILE A 12 2.43 -0.21 3.71
CA ILE A 12 2.97 1.05 3.28
C ILE A 12 4.38 0.89 2.72
N THR A 13 5.14 -0.08 3.22
CA THR A 13 6.53 -0.18 2.81
C THR A 13 6.54 -0.73 1.39
N LEU A 14 5.90 -1.88 1.17
CA LEU A 14 5.61 -2.38 -0.17
C LEU A 14 5.00 -1.29 -1.07
N CYS A 15 4.09 -0.46 -0.55
CA CYS A 15 3.48 0.60 -1.37
C CYS A 15 4.59 1.50 -1.91
N ASN A 16 5.30 2.21 -1.03
CA ASN A 16 6.45 3.02 -1.46
C ASN A 16 7.52 2.25 -2.21
N LEU A 17 7.64 0.95 -2.01
CA LEU A 17 8.59 0.15 -2.76
C LEU A 17 8.33 0.32 -4.26
N TYR A 18 7.11 0.05 -4.74
CA TYR A 18 6.87 -0.10 -6.17
C TYR A 18 5.55 0.53 -6.67
N CYS A 19 5.06 1.60 -6.05
CA CYS A 19 3.81 2.23 -6.49
C CYS A 19 4.00 3.57 -7.23
N GLY A 20 4.93 4.42 -6.81
CA GLY A 20 5.07 5.76 -7.37
C GLY A 20 3.86 6.64 -6.99
N PRO A 21 3.16 7.32 -7.92
CA PRO A 21 1.99 8.14 -7.57
C PRO A 21 0.92 7.28 -6.91
N LEU A 22 0.81 6.02 -7.37
CA LEU A 22 -0.10 5.04 -6.84
C LEU A 22 0.12 4.81 -5.34
N ILE A 23 1.26 5.27 -4.77
CA ILE A 23 1.51 5.21 -3.34
C ILE A 23 0.28 5.75 -2.62
N GLU A 24 -0.32 6.83 -3.10
CA GLU A 24 -1.46 7.38 -2.39
C GLU A 24 -2.61 6.40 -2.39
N ILE A 25 -3.13 6.04 -3.55
CA ILE A 25 -4.25 5.11 -3.62
C ILE A 25 -3.91 3.83 -2.85
N CYS A 26 -2.64 3.42 -2.86
CA CYS A 26 -2.21 2.20 -2.20
C CYS A 26 -2.33 2.38 -0.70
N GLU A 27 -1.72 3.46 -0.21
CA GLU A 27 -1.68 3.82 1.19
C GLU A 27 -3.14 3.89 1.66
N LEU A 28 -3.96 4.58 0.88
CA LEU A 28 -5.39 4.70 1.10
C LEU A 28 -6.04 3.33 1.21
N THR A 29 -5.86 2.45 0.22
CA THR A 29 -6.47 1.14 0.23
C THR A 29 -6.10 0.41 1.53
N VAL A 30 -4.83 0.46 1.94
CA VAL A 30 -4.45 -0.15 3.20
C VAL A 30 -5.24 0.51 4.34
N MET A 31 -5.20 1.84 4.44
CA MET A 31 -5.95 2.61 5.41
C MET A 31 -7.42 2.18 5.46
N GLN A 32 -8.01 1.91 4.30
CA GLN A 32 -9.42 1.64 4.12
C GLN A 32 -9.77 0.15 4.19
N ASN A 33 -8.79 -0.74 4.38
CA ASN A 33 -9.08 -2.18 4.51
C ASN A 33 -8.28 -2.84 5.64
N CYS A 34 -7.38 -2.11 6.26
CA CYS A 34 -6.37 -2.58 7.18
C CYS A 34 -6.02 -1.39 8.07
N GLU A 35 -5.04 -1.54 8.96
CA GLU A 35 -4.52 -0.45 9.78
C GLU A 35 -3.02 -0.29 9.48
N PRO A 36 -2.63 0.77 8.77
CA PRO A 36 -1.24 1.09 8.53
C PRO A 36 -0.75 2.12 9.56
N PRO A 37 0.57 2.34 9.69
CA PRO A 37 1.63 1.74 8.89
C PRO A 37 1.84 0.30 9.30
N PHE A 38 1.88 -0.61 8.32
CA PHE A 38 2.11 -2.02 8.53
C PHE A 38 3.17 -2.32 9.59
N SER A 39 2.89 -3.31 10.43
CA SER A 39 3.79 -3.80 11.45
C SER A 39 5.04 -4.34 10.76
N ASP A 1 0.24 -6.29 -10.87
CA ASP A 1 1.26 -5.35 -10.38
C ASP A 1 1.57 -5.69 -8.94
N GLU A 2 2.80 -5.43 -8.55
CA GLU A 2 3.31 -5.56 -7.20
C GLU A 2 2.78 -4.41 -6.34
N CYS A 3 2.62 -3.22 -6.92
CA CYS A 3 1.98 -2.09 -6.26
C CYS A 3 0.58 -2.47 -5.77
N ALA A 4 -0.18 -3.18 -6.60
CA ALA A 4 -1.47 -3.73 -6.20
C ALA A 4 -1.25 -4.71 -5.06
N ASN A 5 -0.37 -5.68 -5.28
CA ASN A 5 -0.12 -6.75 -4.33
C ASN A 5 0.32 -6.22 -2.96
N ALA A 6 1.00 -5.08 -2.94
CA ALA A 6 1.41 -4.39 -1.72
C ALA A 6 0.20 -3.87 -0.96
N ALA A 7 -0.80 -3.33 -1.66
CA ALA A 7 -2.04 -2.91 -1.04
C ALA A 7 -2.67 -4.13 -0.34
N ALA A 8 -2.77 -5.26 -1.07
CA ALA A 8 -3.25 -6.49 -0.47
C ALA A 8 -2.40 -6.89 0.74
N GLN A 9 -1.09 -6.69 0.68
CA GLN A 9 -0.16 -6.96 1.77
C GLN A 9 -0.21 -5.91 2.88
N CYS A 10 -1.04 -4.89 2.73
CA CYS A 10 -1.37 -3.96 3.79
C CYS A 10 -0.10 -3.29 4.29
N SER A 11 0.71 -2.72 3.40
CA SER A 11 1.99 -2.13 3.76
C SER A 11 2.34 -0.92 2.91
N ILE A 12 2.72 0.13 3.61
CA ILE A 12 3.11 1.42 3.08
C ILE A 12 4.52 1.34 2.52
N THR A 13 5.37 0.53 3.15
CA THR A 13 6.73 0.39 2.71
C THR A 13 6.71 -0.44 1.43
N LEU A 14 5.99 -1.57 1.39
CA LEU A 14 5.88 -2.31 0.15
C LEU A 14 5.11 -1.53 -0.91
N CYS A 15 4.12 -0.71 -0.53
CA CYS A 15 3.46 0.19 -1.48
C CYS A 15 4.57 1.00 -2.13
N ASN A 16 5.30 1.79 -1.34
CA ASN A 16 6.30 2.70 -1.88
C ASN A 16 7.51 2.03 -2.51
N LEU A 17 7.73 0.73 -2.25
CA LEU A 17 8.74 -0.01 -2.98
C LEU A 17 8.48 0.03 -4.49
N TYR A 18 7.21 -0.05 -4.91
CA TYR A 18 6.84 -0.14 -6.33
C TYR A 18 6.02 1.05 -6.81
N CYS A 19 4.99 1.41 -6.05
CA CYS A 19 3.84 2.19 -6.47
C CYS A 19 4.19 3.52 -7.13
N GLY A 20 4.99 4.35 -6.47
CA GLY A 20 5.29 5.71 -6.90
C GLY A 20 4.11 6.66 -6.68
N PRO A 21 3.53 7.32 -7.69
CA PRO A 21 2.35 8.16 -7.46
C PRO A 21 1.18 7.31 -6.96
N LEU A 22 1.14 6.04 -7.33
CA LEU A 22 0.13 5.12 -6.82
C LEU A 22 0.22 4.94 -5.30
N ILE A 23 1.31 5.35 -4.63
CA ILE A 23 1.50 5.14 -3.19
C ILE A 23 0.29 5.68 -2.44
N GLU A 24 -0.28 6.78 -2.91
CA GLU A 24 -1.36 7.40 -2.21
C GLU A 24 -2.60 6.52 -2.26
N ILE A 25 -3.16 6.22 -3.43
CA ILE A 25 -4.30 5.31 -3.49
C ILE A 25 -3.97 3.97 -2.81
N CYS A 26 -2.71 3.54 -2.86
CA CYS A 26 -2.27 2.30 -2.25
C CYS A 26 -2.42 2.39 -0.74
N GLU A 27 -1.83 3.41 -0.13
CA GLU A 27 -1.93 3.62 1.30
C GLU A 27 -3.42 3.78 1.66
N LEU A 28 -4.17 4.52 0.85
CA LEU A 28 -5.60 4.68 1.05
C LEU A 28 -6.28 3.32 1.12
N THR A 29 -6.00 2.43 0.16
CA THR A 29 -6.52 1.07 0.21
C THR A 29 -6.13 0.41 1.53
N VAL A 30 -4.86 0.46 1.91
CA VAL A 30 -4.42 -0.13 3.16
C VAL A 30 -5.28 0.41 4.32
N MET A 31 -5.41 1.73 4.45
CA MET A 31 -6.29 2.35 5.44
C MET A 31 -7.70 1.79 5.37
N GLN A 32 -8.23 1.65 4.15
CA GLN A 32 -9.60 1.27 3.93
C GLN A 32 -9.87 -0.13 4.46
N ASN A 33 -8.97 -1.08 4.17
CA ASN A 33 -9.20 -2.46 4.58
C ASN A 33 -8.73 -2.67 6.02
N CYS A 34 -7.48 -2.29 6.25
CA CYS A 34 -6.60 -2.73 7.32
C CYS A 34 -5.99 -1.53 8.05
N GLU A 35 -5.08 -1.78 8.99
CA GLU A 35 -4.58 -0.79 9.94
C GLU A 35 -3.12 -0.44 9.68
N PRO A 36 -2.83 0.51 8.77
CA PRO A 36 -1.51 1.07 8.62
C PRO A 36 -1.22 2.00 9.81
N PRO A 37 0.00 2.52 9.94
CA PRO A 37 1.17 2.23 9.11
C PRO A 37 1.66 0.81 9.34
N PHE A 38 1.91 0.03 8.28
CA PHE A 38 2.79 -1.10 8.43
C PHE A 38 4.10 -0.66 9.10
N SER A 39 4.55 -1.46 10.06
CA SER A 39 5.66 -1.22 10.95
C SER A 39 6.62 -2.40 10.80
N ASP A 1 -0.55 -6.22 -10.58
CA ASP A 1 0.70 -5.47 -10.39
C ASP A 1 1.19 -5.56 -8.96
N GLU A 2 2.51 -5.38 -8.79
CA GLU A 2 3.18 -5.57 -7.52
C GLU A 2 2.81 -4.48 -6.51
N CYS A 3 2.56 -3.26 -6.97
CA CYS A 3 2.03 -2.21 -6.11
C CYS A 3 0.69 -2.64 -5.52
N ALA A 4 -0.21 -3.14 -6.37
CA ALA A 4 -1.50 -3.65 -5.92
C ALA A 4 -1.32 -4.85 -4.99
N ASN A 5 -0.33 -5.71 -5.24
CA ASN A 5 -0.01 -6.78 -4.30
C ASN A 5 0.37 -6.17 -2.95
N ALA A 6 1.24 -5.16 -2.93
CA ALA A 6 1.64 -4.50 -1.69
C ALA A 6 0.41 -4.02 -0.92
N ALA A 7 -0.53 -3.40 -1.65
CA ALA A 7 -1.79 -3.01 -1.06
C ALA A 7 -2.46 -4.22 -0.43
N ALA A 8 -2.63 -5.30 -1.18
CA ALA A 8 -3.26 -6.53 -0.69
C ALA A 8 -2.53 -7.08 0.55
N GLN A 9 -1.20 -6.98 0.59
CA GLN A 9 -0.38 -7.41 1.70
C GLN A 9 -0.51 -6.44 2.89
N CYS A 10 -1.07 -5.25 2.64
CA CYS A 10 -1.29 -4.20 3.62
C CYS A 10 0.04 -3.80 4.25
N SER A 11 0.94 -3.22 3.45
CA SER A 11 2.17 -2.61 3.92
C SER A 11 2.47 -1.38 3.09
N ILE A 12 2.89 -0.35 3.81
CA ILE A 12 3.14 0.98 3.32
C ILE A 12 4.55 1.02 2.76
N THR A 13 5.48 0.26 3.33
CA THR A 13 6.81 0.22 2.74
C THR A 13 6.75 -0.58 1.45
N LEU A 14 6.04 -1.71 1.40
CA LEU A 14 5.89 -2.40 0.11
C LEU A 14 5.15 -1.51 -0.90
N CYS A 15 4.18 -0.71 -0.45
CA CYS A 15 3.56 0.27 -1.33
C CYS A 15 4.66 1.16 -1.92
N ASN A 16 5.37 1.88 -1.06
CA ASN A 16 6.45 2.79 -1.45
C ASN A 16 7.46 2.15 -2.39
N LEU A 17 7.79 0.88 -2.16
CA LEU A 17 8.76 0.14 -2.94
C LEU A 17 8.53 0.32 -4.45
N TYR A 18 7.28 0.30 -4.93
CA TYR A 18 7.01 0.38 -6.38
C TYR A 18 5.94 1.39 -6.79
N CYS A 19 5.09 1.85 -5.87
CA CYS A 19 3.81 2.42 -6.28
C CYS A 19 3.88 3.77 -6.98
N GLY A 20 4.90 4.59 -6.74
CA GLY A 20 5.01 5.91 -7.35
C GLY A 20 3.78 6.78 -7.02
N PRO A 21 3.02 7.30 -8.00
CA PRO A 21 1.85 8.12 -7.72
C PRO A 21 0.77 7.29 -7.03
N LEU A 22 0.75 5.99 -7.29
CA LEU A 22 -0.18 5.10 -6.61
C LEU A 22 0.22 4.90 -5.15
N ILE A 23 1.34 5.44 -4.66
CA ILE A 23 1.67 5.31 -3.24
C ILE A 23 0.46 5.76 -2.43
N GLU A 24 -0.13 6.88 -2.83
CA GLU A 24 -1.33 7.38 -2.18
C GLU A 24 -2.44 6.34 -2.25
N ILE A 25 -2.85 5.94 -3.46
CA ILE A 25 -3.96 5.02 -3.67
C ILE A 25 -3.73 3.74 -2.87
N CYS A 26 -2.48 3.30 -2.79
CA CYS A 26 -2.05 2.11 -2.08
C CYS A 26 -2.22 2.35 -0.60
N GLU A 27 -1.73 3.50 -0.12
CA GLU A 27 -1.87 3.88 1.27
C GLU A 27 -3.36 3.85 1.60
N LEU A 28 -4.17 4.44 0.74
CA LEU A 28 -5.60 4.64 0.88
C LEU A 28 -6.34 3.32 0.96
N THR A 29 -6.11 2.42 0.00
CA THR A 29 -6.73 1.11 -0.01
C THR A 29 -6.46 0.43 1.33
N VAL A 30 -5.20 0.43 1.77
CA VAL A 30 -4.81 -0.16 3.03
C VAL A 30 -5.54 0.58 4.16
N MET A 31 -5.55 1.90 4.17
CA MET A 31 -6.27 2.73 5.14
C MET A 31 -7.74 2.31 5.24
N GLN A 32 -8.32 1.98 4.10
CA GLN A 32 -9.70 1.59 3.99
C GLN A 32 -9.94 0.24 4.68
N ASN A 33 -9.05 -0.73 4.47
CA ASN A 33 -9.31 -2.14 4.79
C ASN A 33 -8.41 -2.72 5.89
N CYS A 34 -7.44 -1.96 6.36
CA CYS A 34 -6.44 -2.27 7.36
C CYS A 34 -6.21 -0.98 8.13
N GLU A 35 -5.35 -0.97 9.15
CA GLU A 35 -4.99 0.26 9.84
C GLU A 35 -3.48 0.49 9.72
N PRO A 36 -3.00 1.08 8.63
CA PRO A 36 -1.59 1.36 8.44
C PRO A 36 -1.14 2.45 9.42
N PRO A 37 0.18 2.61 9.64
CA PRO A 37 1.28 1.98 8.93
C PRO A 37 1.48 0.53 9.39
N PHE A 38 1.62 -0.44 8.47
CA PHE A 38 1.98 -1.78 8.91
C PHE A 38 3.46 -1.79 9.29
N SER A 39 3.83 -2.75 10.12
CA SER A 39 5.18 -2.93 10.62
C SER A 39 6.06 -3.48 9.49
#